data_2VDY
#
_entry.id   2VDY
#
_cell.length_a   38.673
_cell.length_b   39.757
_cell.length_c   111.586
_cell.angle_alpha   83.09
_cell.angle_beta   85.70
_cell.angle_gamma   69.42
#
_symmetry.space_group_name_H-M   'P 1'
#
loop_
_entity.id
_entity.type
_entity.pdbx_description
1 polymer 'CORTICOSTEROID-BINDING GLOBULIN'
2 non-polymer (11alpha,14beta)-11,17,21-trihydroxypregn-4-ene-3,20-dione
3 water water
#
_entity_poly.entity_id   1
_entity_poly.type   'polypeptide(L)'
_entity_poly.pdbx_seq_one_letter_code
;SNHHRGLASANVDFAFSLYKHLVALSPKKNIFISPVSISMALAMLSLGTCGHTRAQLLQGLGFNLTERSETEIHQGFQHL
HQLFAKSDTSLEMTMGNALFLDGSLELLESFSADIKHYYESEVLAMNFQDWATASRQINSYVKNKTQGKIVDLFSGLDSP
AILVLVNYIFFKGTWTQPFDLASTREENFYVDETTVVKVPMMLQSSTISYLHDSELPCQLVQMNYVGNGTVFFILPDKGK
MNTVIAALSRDTINRWSAGLTSSQVDLYIPKVTISGVYDLGDVLEEMGIADLFTTQANFSRITQDAQLKSSKVVHKAVLQ
LNEEGTEAAGAMFLEAIPRSKPIILRFNQPFIIMIFDHFTWSSLFLARVMNPV
;
_entity_poly.pdbx_strand_id   A,B
#
loop_
_chem_comp.id
_chem_comp.type
_chem_comp.name
_chem_comp.formula
HCY non-polymer (11alpha,14beta)-11,17,21-trihydroxypregn-4-ene-3,20-dione 'C21 H30 O5'
#
# COMPACT_ATOMS: atom_id res chain seq x y z
N GLY A 6 -16.12 6.95 4.50
CA GLY A 6 -15.13 8.02 4.14
C GLY A 6 -14.49 8.66 5.35
N LEU A 7 -13.38 9.36 5.12
CA LEU A 7 -12.59 9.97 6.18
C LEU A 7 -13.33 11.11 6.89
N ALA A 8 -13.95 12.00 6.12
CA ALA A 8 -14.66 13.16 6.65
C ALA A 8 -15.80 12.78 7.60
N SER A 9 -16.52 11.71 7.26
CA SER A 9 -17.62 11.21 8.08
C SER A 9 -17.10 10.53 9.34
N ALA A 10 -16.06 9.73 9.19
CA ALA A 10 -15.47 8.97 10.30
C ALA A 10 -14.78 9.88 11.31
N ASN A 11 -14.09 10.90 10.82
CA ASN A 11 -13.38 11.86 11.66
C ASN A 11 -14.29 12.69 12.55
N VAL A 12 -15.43 13.13 12.01
CA VAL A 12 -16.37 13.95 12.77
C VAL A 12 -17.16 13.13 13.80
N ASP A 13 -17.42 11.86 13.49
CA ASP A 13 -18.08 10.95 14.43
C ASP A 13 -17.17 10.61 15.61
N PHE A 14 -15.88 10.56 15.35
CA PHE A 14 -14.86 10.38 16.39
C PHE A 14 -14.77 11.64 17.24
N ALA A 15 -14.87 12.80 16.60
CA ALA A 15 -14.81 14.10 17.27
C ALA A 15 -15.87 14.23 18.35
N PHE A 16 -17.12 13.95 17.99
CA PHE A 16 -18.26 14.07 18.91
C PHE A 16 -18.27 13.02 20.02
N SER A 17 -17.87 11.80 19.69
CA SER A 17 -17.82 10.70 20.66
C SER A 17 -16.72 10.95 21.70
N LEU A 18 -15.57 11.43 21.24
CA LEU A 18 -14.44 11.77 22.10
C LEU A 18 -14.83 12.92 23.04
N TYR A 19 -15.49 13.93 22.46
CA TYR A 19 -15.99 15.07 23.20
C TYR A 19 -16.97 14.64 24.31
N LYS A 20 -17.97 13.85 23.93
CA LYS A 20 -19.00 13.34 24.85
C LYS A 20 -18.41 12.54 26.01
N HIS A 21 -17.49 11.62 25.69
CA HIS A 21 -16.87 10.77 26.71
C HIS A 21 -16.02 11.57 27.69
N LEU A 22 -15.32 12.58 27.18
CA LEU A 22 -14.50 13.46 27.99
C LEU A 22 -15.35 14.36 28.88
N VAL A 23 -16.44 14.91 28.33
CA VAL A 23 -17.43 15.68 29.08
C VAL A 23 -17.95 14.91 30.30
N ALA A 24 -18.28 13.63 30.10
CA ALA A 24 -18.82 12.77 31.15
C ALA A 24 -17.77 12.42 32.21
N LEU A 25 -16.50 12.33 31.80
CA LEU A 25 -15.40 12.00 32.71
C LEU A 25 -15.01 13.15 33.62
N SER A 26 -15.04 14.37 33.08
CA SER A 26 -14.78 15.58 33.87
C SER A 26 -15.82 16.67 33.56
N PRO A 27 -16.92 16.69 34.34
CA PRO A 27 -18.10 17.53 34.10
C PRO A 27 -18.01 19.00 34.53
N LYS A 28 -16.97 19.37 35.27
CA LYS A 28 -16.83 20.76 35.72
C LYS A 28 -15.67 21.52 35.06
N LYS A 29 -14.72 20.77 34.53
CA LYS A 29 -13.53 21.34 33.88
C LYS A 29 -13.90 22.05 32.58
N ASN A 30 -13.16 23.09 32.24
CA ASN A 30 -13.19 23.66 30.89
C ASN A 30 -12.67 22.61 29.91
N ILE A 31 -13.42 22.38 28.83
CA ILE A 31 -13.01 21.43 27.81
C ILE A 31 -12.73 22.16 26.49
N PHE A 32 -11.47 22.14 26.08
CA PHE A 32 -11.08 22.65 24.77
C PHE A 32 -10.10 21.70 24.11
N ILE A 33 -10.54 21.13 22.99
CA ILE A 33 -9.79 20.08 22.30
C ILE A 33 -9.73 20.30 20.80
N SER A 34 -8.76 19.65 20.15
CA SER A 34 -8.67 19.64 18.70
C SER A 34 -8.76 18.20 18.20
N PRO A 35 -9.98 17.76 17.83
CA PRO A 35 -10.23 16.39 17.36
C PRO A 35 -9.38 15.98 16.15
N VAL A 36 -9.25 16.85 15.17
CA VAL A 36 -8.44 16.56 13.98
C VAL A 36 -6.98 16.27 14.35
N SER A 37 -6.45 17.02 15.32
CA SER A 37 -5.12 16.78 15.89
C SER A 37 -5.00 15.37 16.50
N ILE A 38 -6.02 14.97 17.26
CA ILE A 38 -6.08 13.65 17.89
C ILE A 38 -6.20 12.54 16.83
N SER A 39 -7.05 12.75 15.84
CA SER A 39 -7.24 11.80 14.75
C SER A 39 -5.99 11.61 13.88
N MET A 40 -5.29 12.70 13.58
CA MET A 40 -4.07 12.64 12.77
C MET A 40 -2.90 11.97 13.49
N ALA A 41 -2.78 12.23 14.80
CA ALA A 41 -1.72 11.65 15.62
C ALA A 41 -1.89 10.15 15.79
N LEU A 42 -3.12 9.71 16.10
CA LEU A 42 -3.42 8.29 16.30
C LEU A 42 -3.43 7.48 15.01
N ALA A 43 -3.76 8.13 13.90
CA ALA A 43 -3.70 7.50 12.59
C ALA A 43 -2.25 7.31 12.14
N MET A 44 -1.38 8.25 12.52
CA MET A 44 0.05 8.12 12.25
C MET A 44 0.64 6.98 13.07
N LEU A 45 0.17 6.85 14.31
CA LEU A 45 0.56 5.75 15.18
C LEU A 45 0.18 4.39 14.60
N SER A 46 -1.01 4.30 14.02
CA SER A 46 -1.54 3.04 13.47
C SER A 46 -0.63 2.41 12.43
N LEU A 47 0.16 3.24 11.75
CA LEU A 47 1.18 2.80 10.79
C LEU A 47 2.24 1.90 11.42
N GLY A 48 2.44 2.05 12.73
CA GLY A 48 3.40 1.24 13.47
C GLY A 48 2.77 0.11 14.26
N THR A 49 1.47 -0.09 14.09
CA THR A 49 0.76 -1.16 14.79
C THR A 49 0.37 -2.30 13.86
N CYS A 50 0.22 -3.49 14.43
CA CYS A 50 -0.23 -4.67 13.72
C CYS A 50 -1.19 -5.50 14.58
N GLY A 51 -1.80 -6.52 13.98
CA GLY A 51 -2.65 -7.46 14.71
C GLY A 51 -3.87 -6.83 15.35
N HIS A 52 -4.19 -7.30 16.56
CA HIS A 52 -5.38 -6.85 17.28
C HIS A 52 -5.31 -5.38 17.69
N THR A 53 -4.10 -4.90 17.98
CA THR A 53 -3.88 -3.50 18.35
C THR A 53 -4.23 -2.56 17.19
N ARG A 54 -3.80 -2.93 15.98
CA ARG A 54 -4.08 -2.13 14.77
C ARG A 54 -5.58 -2.03 14.49
N ALA A 55 -6.23 -3.19 14.42
CA ALA A 55 -7.66 -3.27 14.13
C ALA A 55 -8.50 -2.51 15.14
N GLN A 56 -8.12 -2.61 16.42
CA GLN A 56 -8.84 -1.98 17.52
C GLN A 56 -8.71 -0.46 17.50
N LEU A 57 -7.54 0.01 17.11
CA LEU A 57 -7.25 1.45 17.00
C LEU A 57 -8.04 2.09 15.84
N LEU A 58 -7.93 1.49 14.66
CA LEU A 58 -8.60 2.01 13.45
C LEU A 58 -10.12 1.97 13.56
N GLN A 59 -10.66 0.92 14.17
CA GLN A 59 -12.10 0.79 14.40
C GLN A 59 -12.59 1.81 15.43
N GLY A 60 -11.76 2.07 16.44
CA GLY A 60 -12.03 3.10 17.44
C GLY A 60 -12.01 4.50 16.84
N LEU A 61 -11.09 4.71 15.89
CA LEU A 61 -11.02 5.98 15.15
C LEU A 61 -12.17 6.14 14.15
N GLY A 62 -12.90 5.05 13.89
CA GLY A 62 -14.11 5.09 13.06
C GLY A 62 -13.94 4.63 11.62
N PHE A 63 -12.80 4.02 11.31
CA PHE A 63 -12.50 3.57 9.96
C PHE A 63 -12.92 2.12 9.73
N ASN A 64 -13.57 1.85 8.60
CA ASN A 64 -14.08 0.52 8.28
C ASN A 64 -12.97 -0.44 7.84
N LEU A 65 -12.49 -1.24 8.79
CA LEU A 65 -11.39 -2.16 8.56
C LEU A 65 -11.89 -3.46 7.91
N SER A 69 -8.85 -0.34 2.60
CA SER A 69 -7.41 -0.30 2.73
C SER A 69 -6.96 0.78 3.71
N GLU A 70 -5.74 0.64 4.22
CA GLU A 70 -5.16 1.62 5.13
C GLU A 70 -4.64 2.84 4.35
N THR A 71 -4.23 2.61 3.10
CA THR A 71 -3.67 3.68 2.26
C THR A 71 -4.65 4.83 2.05
N GLU A 72 -5.94 4.53 1.99
CA GLU A 72 -7.00 5.54 1.87
C GLU A 72 -7.03 6.52 3.05
N ILE A 73 -6.80 6.01 4.24
CA ILE A 73 -6.76 6.81 5.47
C ILE A 73 -5.58 7.80 5.46
N HIS A 74 -4.39 7.29 5.15
CA HIS A 74 -3.16 8.08 5.22
C HIS A 74 -3.01 9.08 4.08
N GLN A 75 -3.58 8.75 2.92
CA GLN A 75 -3.71 9.70 1.82
C GLN A 75 -4.65 10.85 2.20
N GLY A 76 -5.64 10.52 3.04
CA GLY A 76 -6.61 11.50 3.52
C GLY A 76 -6.02 12.51 4.48
N PHE A 77 -5.14 12.05 5.36
CA PHE A 77 -4.45 12.93 6.30
C PHE A 77 -3.31 13.71 5.66
N GLN A 78 -2.73 13.14 4.60
CA GLN A 78 -1.75 13.84 3.77
C GLN A 78 -2.42 15.02 3.09
N HIS A 79 -3.66 14.80 2.67
CA HIS A 79 -4.51 15.81 2.04
C HIS A 79 -4.85 16.96 3.01
N LEU A 80 -5.17 16.61 4.25
CA LEU A 80 -5.48 17.60 5.29
C LEU A 80 -4.25 18.41 5.70
N HIS A 81 -3.14 17.71 5.94
CA HIS A 81 -1.87 18.34 6.33
C HIS A 81 -1.41 19.40 5.32
N GLN A 82 -1.67 19.15 4.03
CA GLN A 82 -1.30 20.06 2.95
C GLN A 82 -2.19 21.31 2.93
N LEU A 83 -3.51 21.09 2.98
CA LEU A 83 -4.48 22.20 2.94
C LEU A 83 -4.46 23.06 4.22
N PHE A 84 -3.93 22.50 5.30
CA PHE A 84 -3.85 23.23 6.58
C PHE A 84 -2.53 23.97 6.78
N ALA A 85 -1.87 24.29 5.67
CA ALA A 85 -0.66 25.12 5.70
C ALA A 85 -0.95 26.46 5.02
N LYS A 86 -1.23 27.48 5.85
CA LYS A 86 -1.58 28.81 5.34
C LYS A 86 -0.88 29.91 6.15
N SER A 87 -0.48 30.96 5.44
CA SER A 87 0.14 32.14 6.08
C SER A 87 -0.15 33.41 5.26
N ASP A 88 -1.29 34.02 5.54
CA ASP A 88 -1.72 35.25 4.87
C ASP A 88 -1.83 36.40 5.87
N THR A 89 -2.38 37.52 5.42
CA THR A 89 -2.49 38.71 6.25
C THR A 89 -3.64 38.64 7.28
N SER A 90 -4.65 37.82 6.98
CA SER A 90 -5.83 37.68 7.84
C SER A 90 -6.17 36.22 8.16
N LEU A 91 -5.37 35.30 7.61
CA LEU A 91 -5.52 33.86 7.90
C LEU A 91 -4.17 33.18 8.03
N GLU A 92 -3.98 32.48 9.15
CA GLU A 92 -2.78 31.71 9.41
C GLU A 92 -3.12 30.37 10.05
N MET A 93 -2.62 29.29 9.46
CA MET A 93 -2.85 27.96 9.97
C MET A 93 -1.69 27.03 9.64
N THR A 94 -1.28 26.26 10.65
CA THR A 94 -0.26 25.24 10.45
C THR A 94 -0.56 23.95 11.23
N MET A 95 -0.10 22.83 10.68
CA MET A 95 -0.28 21.52 11.29
C MET A 95 0.94 20.68 10.97
N GLY A 96 1.38 19.87 11.94
CA GLY A 96 2.59 19.09 11.76
C GLY A 96 2.75 17.91 12.70
N ASN A 97 3.70 17.05 12.36
CA ASN A 97 3.96 15.82 13.10
C ASN A 97 5.45 15.64 13.34
N ALA A 98 5.80 14.99 14.45
CA ALA A 98 7.20 14.70 14.77
C ALA A 98 7.35 13.41 15.59
N LEU A 99 8.49 12.76 15.43
CA LEU A 99 8.83 11.57 16.18
C LEU A 99 10.17 11.78 16.88
N PHE A 100 10.15 11.76 18.21
CA PHE A 100 11.37 11.85 19.01
C PHE A 100 11.80 10.45 19.42
N LEU A 101 13.02 10.09 19.07
CA LEU A 101 13.50 8.72 19.20
C LEU A 101 14.84 8.64 19.92
N ASP A 102 14.92 7.77 20.93
CA ASP A 102 16.17 7.49 21.61
C ASP A 102 17.15 6.82 20.65
N GLY A 103 18.43 7.16 20.79
CA GLY A 103 19.50 6.64 19.94
C GLY A 103 19.64 5.13 19.92
N SER A 104 19.17 4.47 20.98
CA SER A 104 19.22 3.01 21.09
C SER A 104 18.22 2.30 20.17
N LEU A 105 17.31 3.06 19.58
CA LEU A 105 16.28 2.51 18.70
C LEU A 105 16.41 3.00 17.27
N GLU A 106 16.06 2.13 16.33
CA GLU A 106 15.99 2.50 14.92
C GLU A 106 14.69 2.05 14.29
N LEU A 107 14.05 2.98 13.56
CA LEU A 107 12.78 2.71 12.91
C LEU A 107 12.98 1.79 11.72
N LEU A 108 11.95 1.03 11.40
CA LEU A 108 11.93 0.20 10.21
C LEU A 108 11.80 1.11 9.00
N GLU A 109 12.42 0.71 7.89
CA GLU A 109 12.42 1.48 6.65
C GLU A 109 11.01 1.93 6.22
N SER A 110 10.08 0.99 6.14
CA SER A 110 8.74 1.27 5.63
C SER A 110 7.94 2.20 6.55
N PHE A 111 8.15 2.08 7.85
CA PHE A 111 7.47 2.96 8.82
C PHE A 111 7.94 4.42 8.73
N SER A 112 9.25 4.63 8.71
CA SER A 112 9.81 5.97 8.62
C SER A 112 9.56 6.62 7.27
N ALA A 113 9.53 5.80 6.21
CA ALA A 113 9.18 6.27 4.88
C ALA A 113 7.71 6.69 4.79
N ASP A 114 6.84 5.93 5.45
CA ASP A 114 5.41 6.23 5.48
C ASP A 114 5.05 7.49 6.28
N ILE A 115 5.67 7.65 7.46
CA ILE A 115 5.40 8.83 8.29
C ILE A 115 5.94 10.13 7.68
N LYS A 116 7.03 10.01 6.92
CA LYS A 116 7.61 11.17 6.23
C LYS A 116 6.84 11.55 4.96
N HIS A 117 6.31 10.53 4.27
CA HIS A 117 5.54 10.75 3.05
C HIS A 117 4.14 11.28 3.33
N TYR A 118 3.37 10.54 4.13
CA TYR A 118 1.98 10.86 4.41
C TYR A 118 1.78 11.96 5.44
N TYR A 119 2.65 12.01 6.44
CA TYR A 119 2.46 12.93 7.57
C TYR A 119 3.51 14.02 7.68
N GLU A 120 4.45 14.04 6.74
CA GLU A 120 5.59 14.99 6.72
C GLU A 120 6.29 15.08 8.09
N SER A 121 6.45 13.92 8.73
CA SER A 121 6.99 13.87 10.08
C SER A 121 8.51 13.99 10.12
N GLU A 122 8.99 14.85 11.02
CA GLU A 122 10.42 14.91 11.34
C GLU A 122 10.75 13.75 12.29
N VAL A 123 11.89 13.12 12.07
CA VAL A 123 12.41 12.12 12.99
C VAL A 123 13.67 12.69 13.64
N LEU A 124 13.56 12.98 14.93
CA LEU A 124 14.61 13.69 15.67
C LEU A 124 15.22 12.85 16.78
N ALA A 125 16.55 12.80 16.81
CA ALA A 125 17.31 12.04 17.81
C ALA A 125 17.14 12.62 19.21
N MET A 126 17.26 11.75 20.21
CA MET A 126 16.92 12.08 21.58
C MET A 126 17.67 11.18 22.55
N ASN A 127 18.13 11.73 23.67
CA ASN A 127 18.71 10.95 24.75
C ASN A 127 17.76 10.89 25.94
N PHE A 128 17.03 9.77 26.04
CA PHE A 128 16.01 9.59 27.08
C PHE A 128 16.62 9.40 28.48
N GLN A 129 17.92 9.12 28.52
CA GLN A 129 18.66 8.96 29.78
C GLN A 129 18.76 10.28 30.54
N ASP A 130 18.79 11.37 29.79
CA ASP A 130 18.74 12.73 30.34
C ASP A 130 17.35 13.28 30.04
N TRP A 131 16.40 13.00 30.93
CA TRP A 131 15.01 13.40 30.70
C TRP A 131 14.76 14.90 30.84
N ALA A 132 15.56 15.56 31.67
CA ALA A 132 15.49 17.02 31.83
C ALA A 132 15.77 17.72 30.50
N THR A 133 16.83 17.30 29.81
CA THR A 133 17.17 17.81 28.49
C THR A 133 16.11 17.39 27.46
N ALA A 134 15.74 16.11 27.49
CA ALA A 134 14.80 15.54 26.54
C ALA A 134 13.45 16.25 26.55
N SER A 135 12.87 16.43 27.73
CA SER A 135 11.58 17.11 27.88
C SER A 135 11.68 18.61 27.56
N ARG A 136 12.87 19.18 27.75
CA ARG A 136 13.14 20.58 27.40
C ARG A 136 13.17 20.75 25.89
N GLN A 137 13.80 19.78 25.23
CA GLN A 137 13.91 19.72 23.77
C GLN A 137 12.53 19.63 23.11
N ILE A 138 11.69 18.74 23.63
CA ILE A 138 10.35 18.53 23.07
C ILE A 138 9.41 19.71 23.36
N ASN A 139 9.48 20.25 24.58
CA ASN A 139 8.64 21.39 24.97
C ASN A 139 8.90 22.64 24.13
N SER A 140 10.18 22.93 23.91
CA SER A 140 10.60 24.07 23.09
C SER A 140 10.22 23.88 21.62
N TYR A 141 10.37 22.66 21.11
CA TYR A 141 9.99 22.33 19.75
C TYR A 141 8.51 22.65 19.49
N VAL A 142 7.64 22.16 20.38
CA VAL A 142 6.20 22.39 20.30
C VAL A 142 5.88 23.88 20.47
N LYS A 143 6.58 24.53 21.41
CA LYS A 143 6.43 25.95 21.70
C LYS A 143 6.60 26.79 20.44
N ASN A 144 7.74 26.61 19.75
CA ASN A 144 8.02 27.35 18.52
C ASN A 144 7.02 27.08 17.39
N LYS A 145 6.71 25.80 17.17
CA LYS A 145 5.80 25.38 16.10
C LYS A 145 4.37 25.94 16.24
N THR A 146 3.91 26.13 17.47
CA THR A 146 2.58 26.72 17.72
C THR A 146 2.65 28.22 18.03
N GLN A 147 3.75 28.86 17.60
CA GLN A 147 3.97 30.30 17.78
C GLN A 147 3.95 30.75 19.25
N GLY A 148 4.37 29.87 20.15
CA GLY A 148 4.43 30.16 21.58
C GLY A 148 3.12 29.96 22.33
N LYS A 149 2.11 29.42 21.65
CA LYS A 149 0.79 29.21 22.24
C LYS A 149 0.75 28.01 23.18
N ILE A 150 1.41 26.92 22.80
CA ILE A 150 1.48 25.74 23.64
C ILE A 150 2.81 25.72 24.40
N VAL A 151 2.72 26.04 25.69
CA VAL A 151 3.88 26.11 26.58
C VAL A 151 3.85 24.95 27.58
N ASP A 152 5.03 24.37 27.86
CA ASP A 152 5.20 23.28 28.83
C ASP A 152 4.24 22.10 28.59
N LEU A 153 4.39 21.45 27.45
CA LEU A 153 3.57 20.27 27.13
C LEU A 153 3.87 19.09 28.06
N PHE A 154 5.16 18.90 28.36
CA PHE A 154 5.60 17.86 29.28
C PHE A 154 5.74 18.39 30.71
N ASP A 158 6.05 13.43 31.04
CA ASP A 158 5.54 13.25 32.41
C ASP A 158 6.37 12.21 33.16
N SER A 159 6.59 11.06 32.49
CA SER A 159 7.57 10.07 32.93
C SER A 159 8.48 9.81 31.72
N PRO A 160 9.76 9.47 31.97
CA PRO A 160 10.69 9.18 30.86
C PRO A 160 10.19 8.09 29.88
N ALA A 161 10.56 8.23 28.61
CA ALA A 161 10.14 7.31 27.55
C ALA A 161 11.14 7.32 26.39
N ILE A 162 11.33 6.16 25.77
CA ILE A 162 12.30 6.01 24.67
C ILE A 162 11.80 6.49 23.30
N LEU A 163 10.47 6.59 23.15
CA LEU A 163 9.87 7.14 21.95
C LEU A 163 8.74 8.10 22.31
N VAL A 164 8.70 9.24 21.64
CA VAL A 164 7.62 10.22 21.82
C VAL A 164 7.07 10.67 20.46
N LEU A 165 5.78 10.43 20.25
CA LEU A 165 5.07 10.87 19.05
C LEU A 165 4.37 12.20 19.34
N VAL A 166 4.53 13.16 18.42
CA VAL A 166 3.99 14.50 18.63
C VAL A 166 3.19 14.99 17.42
N ASN A 167 2.05 15.62 17.70
CA ASN A 167 1.28 16.37 16.72
C ASN A 167 0.92 17.76 17.25
N TYR A 168 0.97 18.76 16.38
CA TYR A 168 0.60 20.13 16.76
C TYR A 168 -0.31 20.79 15.74
N ILE A 169 -1.20 21.66 16.21
CA ILE A 169 -2.03 22.51 15.36
C ILE A 169 -2.03 23.95 15.88
N PHE A 170 -1.91 24.90 14.96
CA PHE A 170 -2.04 26.32 15.27
C PHE A 170 -3.03 26.95 14.31
N PHE A 171 -3.95 27.74 14.84
CA PHE A 171 -4.98 28.39 14.02
C PHE A 171 -5.22 29.84 14.43
N LYS A 172 -5.18 30.73 13.44
CA LYS A 172 -5.44 32.15 13.65
C LYS A 172 -6.45 32.63 12.60
N GLY A 173 -7.70 32.81 13.04
CA GLY A 173 -8.76 33.30 12.17
C GLY A 173 -9.20 34.72 12.48
N THR A 174 -9.72 35.41 11.45
CA THR A 174 -10.25 36.76 11.59
C THR A 174 -11.75 36.74 11.30
N TRP A 175 -12.55 37.31 12.19
CA TRP A 175 -14.01 37.39 11.98
C TRP A 175 -14.34 38.10 10.67
N THR A 176 -15.29 37.57 9.92
CA THR A 176 -15.83 38.27 8.76
C THR A 176 -16.72 39.41 9.25
N GLN A 177 -17.40 39.17 10.37
CA GLN A 177 -18.17 40.18 11.08
C GLN A 177 -17.51 40.43 12.44
N PRO A 178 -16.57 41.38 12.51
CA PRO A 178 -15.89 41.63 13.77
C PRO A 178 -16.81 42.28 14.81
N PHE A 179 -16.54 42.01 16.09
CA PHE A 179 -17.28 42.62 17.19
C PHE A 179 -16.87 44.08 17.34
N ASP A 180 -17.76 44.89 17.90
CA ASP A 180 -17.54 46.33 18.06
C ASP A 180 -16.74 46.64 19.31
N LEU A 181 -15.51 47.14 19.12
CA LEU A 181 -14.58 47.43 20.21
C LEU A 181 -15.15 48.36 21.29
N ALA A 182 -15.84 49.40 20.86
CA ALA A 182 -16.47 50.34 21.80
C ALA A 182 -17.59 49.71 22.62
N SER A 183 -18.20 48.65 22.09
CA SER A 183 -19.35 48.01 22.73
C SER A 183 -18.97 47.07 23.88
N THR A 184 -17.69 46.74 23.98
CA THR A 184 -17.21 45.80 25.01
C THR A 184 -17.33 46.37 26.41
N ARG A 185 -17.98 45.61 27.29
CA ARG A 185 -18.15 45.97 28.71
C ARG A 185 -17.94 44.74 29.59
N GLU A 186 -17.61 44.97 30.86
CA GLU A 186 -17.52 43.88 31.84
C GLU A 186 -18.91 43.42 32.26
N GLU A 187 -19.17 42.13 32.09
CA GLU A 187 -20.45 41.52 32.46
C GLU A 187 -20.25 40.35 33.43
N ASN A 188 -21.35 39.93 34.05
CA ASN A 188 -21.37 38.73 34.86
C ASN A 188 -21.45 37.47 33.99
N PHE A 189 -20.55 36.53 34.24
CA PHE A 189 -20.63 35.20 33.66
C PHE A 189 -20.96 34.24 34.80
N TYR A 190 -22.10 33.57 34.69
CA TYR A 190 -22.61 32.69 35.74
C TYR A 190 -22.08 31.27 35.57
N VAL A 191 -21.04 30.94 36.32
CA VAL A 191 -20.40 29.62 36.25
C VAL A 191 -21.29 28.57 36.92
N ASP A 192 -21.61 28.78 38.18
CA ASP A 192 -22.47 27.88 38.95
C ASP A 192 -23.60 28.65 39.61
N GLU A 193 -24.39 27.96 40.43
CA GLU A 193 -25.41 28.58 41.26
C GLU A 193 -24.78 29.35 42.41
N THR A 194 -23.50 29.11 42.63
CA THR A 194 -22.73 29.69 43.72
C THR A 194 -21.42 30.35 43.23
N THR A 195 -21.26 30.41 41.91
CA THR A 195 -20.06 30.98 41.28
C THR A 195 -20.40 31.98 40.18
N VAL A 196 -19.98 33.23 40.37
CA VAL A 196 -20.11 34.28 39.35
C VAL A 196 -18.75 34.94 39.14
N VAL A 197 -18.34 35.07 37.88
CA VAL A 197 -17.09 35.75 37.54
C VAL A 197 -17.33 36.95 36.62
N LYS A 198 -16.41 37.91 36.67
CA LYS A 198 -16.46 39.07 35.78
C LYS A 198 -15.61 38.82 34.53
N VAL A 199 -16.17 39.14 33.37
CA VAL A 199 -15.52 38.88 32.09
C VAL A 199 -15.78 40.04 31.12
N PRO A 200 -14.79 40.38 30.26
CA PRO A 200 -15.08 41.31 29.18
C PRO A 200 -16.06 40.70 28.18
N MET A 201 -17.23 41.34 28.04
CA MET A 201 -18.27 40.85 27.15
C MET A 201 -18.30 41.67 25.85
N MET A 202 -18.17 40.98 24.72
CA MET A 202 -18.16 41.63 23.42
C MET A 202 -19.59 41.78 22.90
N LEU A 203 -19.80 42.76 22.04
CA LEU A 203 -21.11 43.00 21.46
C LEU A 203 -21.03 43.46 20.00
N GLN A 204 -21.87 42.87 19.17
CA GLN A 204 -22.16 43.40 17.84
C GLN A 204 -23.64 43.21 17.51
N SER A 205 -24.21 44.20 16.83
CA SER A 205 -25.58 44.12 16.35
C SER A 205 -25.55 43.98 14.83
N SER A 206 -25.66 42.73 14.38
CA SER A 206 -25.47 42.40 12.96
C SER A 206 -26.51 41.41 12.45
N THR A 207 -26.56 41.25 11.13
CA THR A 207 -27.32 40.17 10.51
C THR A 207 -26.48 38.90 10.59
N ILE A 208 -26.91 38.00 11.47
CA ILE A 208 -26.18 36.78 11.79
C ILE A 208 -27.09 35.57 11.58
N SER A 209 -26.52 34.47 11.09
CA SER A 209 -27.23 33.21 10.98
C SER A 209 -27.65 32.73 12.36
N TYR A 210 -28.95 32.63 12.58
CA TYR A 210 -29.52 32.31 13.90
C TYR A 210 -30.52 31.18 13.80
N LEU A 211 -30.59 30.38 14.86
CA LEU A 211 -31.61 29.34 15.01
C LEU A 211 -31.96 29.11 16.48
N HIS A 212 -33.23 29.34 16.80
CA HIS A 212 -33.83 28.90 18.05
C HIS A 212 -34.32 27.48 17.78
N ASP A 213 -33.65 26.50 18.38
CA ASP A 213 -33.98 25.09 18.14
C ASP A 213 -35.27 24.72 18.84
N SER A 214 -36.14 24.02 18.12
CA SER A 214 -37.44 23.59 18.63
C SER A 214 -37.41 22.14 19.10
N GLU A 215 -36.41 21.39 18.62
CA GLU A 215 -36.24 19.99 18.97
C GLU A 215 -35.24 19.80 20.11
N LEU A 216 -34.47 20.84 20.40
CA LEU A 216 -33.51 20.84 21.51
C LEU A 216 -33.60 22.14 22.30
N PRO A 217 -33.44 22.08 23.64
CA PRO A 217 -33.45 23.27 24.48
C PRO A 217 -32.18 24.13 24.33
N CYS A 218 -32.03 24.76 23.17
CA CYS A 218 -30.87 25.63 22.89
C CYS A 218 -31.14 26.65 21.80
N GLN A 219 -30.32 27.69 21.77
CA GLN A 219 -30.30 28.68 20.71
C GLN A 219 -28.86 28.78 20.22
N LEU A 220 -28.68 29.05 18.93
CA LEU A 220 -27.34 29.01 18.32
C LEU A 220 -27.13 30.02 17.19
N VAL A 221 -25.86 30.38 16.98
CA VAL A 221 -25.43 31.20 15.85
C VAL A 221 -24.26 30.56 15.10
N GLN A 222 -24.11 30.93 13.83
CA GLN A 222 -22.95 30.53 13.05
C GLN A 222 -22.22 31.76 12.49
N MET A 223 -20.92 31.80 12.68
CA MET A 223 -20.08 32.87 12.17
C MET A 223 -18.93 32.32 11.33
N ASN A 224 -18.53 33.07 10.31
CA ASN A 224 -17.43 32.67 9.45
C ASN A 224 -16.14 33.42 9.77
N TYR A 225 -15.02 32.80 9.40
CA TYR A 225 -13.72 33.46 9.41
C TYR A 225 -13.36 33.82 7.97
N VAL A 226 -12.41 34.75 7.81
CA VAL A 226 -11.85 35.05 6.48
C VAL A 226 -11.18 33.79 5.96
N GLY A 227 -11.69 33.28 4.84
CA GLY A 227 -11.26 31.97 4.33
C GLY A 227 -12.37 30.95 4.47
N ASN A 228 -12.01 29.71 4.77
CA ASN A 228 -12.97 28.61 4.86
C ASN A 228 -13.33 28.15 6.28
N GLY A 229 -12.72 28.78 7.28
CA GLY A 229 -13.05 28.47 8.68
C GLY A 229 -14.42 28.99 9.09
N THR A 230 -15.10 28.23 9.93
CA THR A 230 -16.42 28.60 10.45
C THR A 230 -16.61 28.11 11.89
N VAL A 231 -17.50 28.77 12.63
CA VAL A 231 -17.71 28.45 14.05
C VAL A 231 -19.18 28.47 14.46
N PHE A 232 -19.57 27.48 15.27
CA PHE A 232 -20.89 27.45 15.89
C PHE A 232 -20.77 27.77 17.38
N PHE A 233 -21.56 28.74 17.83
CA PHE A 233 -21.72 29.01 19.27
C PHE A 233 -23.10 28.51 19.71
N ILE A 234 -23.13 27.52 20.59
CA ILE A 234 -24.39 26.94 21.05
C ILE A 234 -24.64 27.28 22.52
N LEU A 235 -25.76 27.96 22.77
CA LEU A 235 -26.17 28.27 24.14
C LEU A 235 -27.36 27.41 24.54
N PRO A 236 -27.14 26.46 25.46
CA PRO A 236 -28.25 25.68 25.99
C PRO A 236 -29.07 26.50 26.99
N ASP A 237 -30.35 26.14 27.14
CA ASP A 237 -31.18 26.71 28.19
C ASP A 237 -30.60 26.28 29.53
N LYS A 238 -30.75 27.12 30.56
CA LYS A 238 -30.09 26.89 31.84
C LYS A 238 -30.38 25.48 32.38
N GLY A 239 -29.30 24.76 32.69
CA GLY A 239 -29.39 23.39 33.21
C GLY A 239 -29.66 22.32 32.18
N LYS A 240 -29.48 22.66 30.90
CA LYS A 240 -29.77 21.71 29.81
C LYS A 240 -28.54 21.43 28.93
N MET A 241 -27.35 21.68 29.49
CA MET A 241 -26.08 21.49 28.79
C MET A 241 -25.86 20.05 28.32
N ASN A 242 -26.20 19.09 29.17
CA ASN A 242 -25.99 17.68 28.87
C ASN A 242 -27.02 17.07 27.92
N THR A 243 -28.18 17.72 27.81
CA THR A 243 -29.21 17.32 26.84
C THR A 243 -28.79 17.72 25.42
N VAL A 244 -28.13 18.87 25.32
CA VAL A 244 -27.64 19.38 24.04
C VAL A 244 -26.38 18.64 23.59
N ILE A 245 -25.49 18.35 24.55
CA ILE A 245 -24.23 17.64 24.26
C ILE A 245 -24.47 16.21 23.77
N ALA A 246 -25.38 15.49 24.43
CA ALA A 246 -25.74 14.12 24.04
C ALA A 246 -26.31 14.05 22.62
N ALA A 247 -26.86 15.15 22.14
CA ALA A 247 -27.49 15.21 20.82
C ALA A 247 -26.52 15.56 19.69
N LEU A 248 -25.28 15.92 20.04
CA LEU A 248 -24.28 16.33 19.04
C LEU A 248 -23.88 15.20 18.08
N SER A 249 -24.23 15.38 16.82
CA SER A 249 -23.99 14.38 15.77
C SER A 249 -23.98 15.05 14.40
N ARG A 250 -23.67 14.27 13.36
CA ARG A 250 -23.77 14.72 11.97
C ARG A 250 -25.18 15.16 11.60
N ASP A 251 -26.18 14.42 12.08
CA ASP A 251 -27.58 14.72 11.83
C ASP A 251 -28.06 16.02 12.48
N THR A 252 -27.50 16.33 13.65
CA THR A 252 -27.85 17.55 14.38
C THR A 252 -27.24 18.79 13.71
N ILE A 253 -25.95 18.73 13.38
CA ILE A 253 -25.25 19.84 12.73
C ILE A 253 -25.76 20.12 11.31
N ASN A 254 -26.21 19.06 10.63
CA ASN A 254 -26.89 19.19 9.33
C ASN A 254 -28.21 19.93 9.45
N ARG A 255 -29.01 19.53 10.44
CA ARG A 255 -30.32 20.15 10.69
C ARG A 255 -30.17 21.60 11.14
N TRP A 256 -29.12 21.87 11.94
CA TRP A 256 -28.81 23.24 12.35
C TRP A 256 -28.43 24.10 11.15
N SER A 257 -27.52 23.58 10.32
CA SER A 257 -27.08 24.23 9.09
C SER A 257 -28.27 24.58 8.18
N ALA A 258 -29.19 23.63 8.02
CA ALA A 258 -30.39 23.83 7.21
C ALA A 258 -31.37 24.79 7.88
N GLY A 259 -31.35 24.82 9.21
CA GLY A 259 -32.27 25.65 10.00
C GLY A 259 -31.83 27.07 10.24
N LEU A 260 -30.52 27.29 10.26
CA LEU A 260 -29.94 28.62 10.50
C LEU A 260 -30.39 29.63 9.46
N THR A 261 -30.99 30.71 9.94
CA THR A 261 -31.55 31.75 9.08
C THR A 261 -31.04 33.14 9.46
N SER A 262 -30.81 33.98 8.45
CA SER A 262 -30.30 35.33 8.64
C SER A 262 -31.25 36.19 9.48
N SER A 263 -30.77 36.65 10.62
CA SER A 263 -31.57 37.39 11.58
C SER A 263 -30.80 38.54 12.20
N GLN A 264 -31.53 39.50 12.78
CA GLN A 264 -30.92 40.57 13.55
C GLN A 264 -30.66 40.08 14.96
N VAL A 265 -29.40 40.11 15.37
CA VAL A 265 -28.97 39.60 16.66
C VAL A 265 -28.07 40.59 17.39
N ASP A 266 -28.43 40.91 18.63
CA ASP A 266 -27.50 41.53 19.57
C ASP A 266 -26.68 40.40 20.21
N LEU A 267 -25.52 40.13 19.61
CA LEU A 267 -24.71 38.98 20.00
C LEU A 267 -23.66 39.32 21.06
N TYR A 268 -23.83 38.73 22.23
CA TYR A 268 -22.91 38.91 23.35
C TYR A 268 -22.10 37.64 23.57
N ILE A 269 -20.82 37.66 23.21
CA ILE A 269 -19.91 36.57 23.57
C ILE A 269 -18.70 37.12 24.34
N PRO A 270 -18.24 36.38 25.38
CA PRO A 270 -17.14 36.88 26.20
C PRO A 270 -15.77 36.72 25.54
N LYS A 271 -14.80 37.53 25.98
CA LYS A 271 -13.42 37.40 25.55
C LYS A 271 -12.75 36.23 26.28
N VAL A 272 -12.92 35.04 25.71
CA VAL A 272 -12.47 33.80 26.33
C VAL A 272 -10.97 33.58 26.18
N THR A 273 -10.30 33.36 27.31
CA THR A 273 -8.92 32.89 27.34
C THR A 273 -8.85 31.66 28.23
N ILE A 274 -8.93 30.49 27.60
CA ILE A 274 -8.91 29.21 28.34
C ILE A 274 -7.87 28.24 27.82
N SER A 275 -7.46 27.32 28.69
CA SER A 275 -6.59 26.22 28.33
C SER A 275 -6.98 24.95 29.08
N GLY A 276 -6.54 23.79 28.58
CA GLY A 276 -6.79 22.52 29.23
C GLY A 276 -5.71 21.51 28.94
N VAL A 277 -5.47 20.64 29.91
CA VAL A 277 -4.57 19.49 29.75
C VAL A 277 -5.38 18.24 30.03
N TYR A 278 -5.37 17.29 29.10
CA TYR A 278 -6.18 16.09 29.23
C TYR A 278 -5.38 14.82 28.98
N ASP A 279 -5.35 13.95 29.99
CA ASP A 279 -4.88 12.58 29.81
C ASP A 279 -6.02 11.83 29.12
N LEU A 280 -5.75 11.40 27.88
CA LEU A 280 -6.77 10.74 27.06
C LEU A 280 -6.83 9.24 27.27
N GLY A 281 -6.16 8.75 28.31
CA GLY A 281 -6.14 7.33 28.65
C GLY A 281 -7.52 6.76 28.90
N ASP A 282 -8.23 7.34 29.88
CA ASP A 282 -9.59 6.93 30.23
C ASP A 282 -10.58 7.11 29.08
N VAL A 283 -10.40 8.16 28.30
CA VAL A 283 -11.28 8.49 27.18
C VAL A 283 -11.17 7.43 26.08
N LEU A 284 -9.94 7.09 25.70
CA LEU A 284 -9.67 6.14 24.62
C LEU A 284 -10.13 4.73 24.98
N GLU A 285 -9.93 4.33 26.23
CA GLU A 285 -10.32 2.99 26.69
C GLU A 285 -11.83 2.84 26.85
N GLU A 286 -12.51 3.95 27.09
CA GLU A 286 -13.97 4.02 27.09
C GLU A 286 -14.49 3.82 25.66
N MET A 287 -13.75 4.34 24.69
CA MET A 287 -14.08 4.20 23.27
C MET A 287 -13.62 2.86 22.67
N GLY A 288 -12.95 2.05 23.49
CA GLY A 288 -12.53 0.71 23.07
C GLY A 288 -11.09 0.61 22.59
N ILE A 289 -10.31 1.67 22.78
CA ILE A 289 -8.91 1.67 22.39
C ILE A 289 -8.05 1.42 23.63
N ALA A 290 -7.78 0.14 23.89
CA ALA A 290 -7.20 -0.29 25.16
C ALA A 290 -5.87 -1.03 25.01
N ASP A 291 -5.72 -1.78 23.93
CA ASP A 291 -4.53 -2.63 23.70
C ASP A 291 -3.21 -1.86 23.68
N LEU A 292 -3.27 -0.60 23.25
CA LEU A 292 -2.09 0.29 23.22
C LEU A 292 -1.36 0.34 24.55
N PHE A 293 -2.11 0.30 25.65
CA PHE A 293 -1.57 0.52 26.99
C PHE A 293 -1.16 -0.78 27.69
N THR A 294 -1.50 -1.92 27.11
CA THR A 294 -1.28 -3.21 27.75
C THR A 294 0.10 -3.79 27.42
N THR A 295 0.55 -4.74 28.23
CA THR A 295 1.82 -5.44 27.99
C THR A 295 1.66 -6.43 26.82
N GLN A 296 0.52 -6.36 26.15
CA GLN A 296 0.24 -7.18 24.99
C GLN A 296 0.18 -6.34 23.71
N ALA A 297 0.61 -5.09 23.80
CA ALA A 297 0.56 -4.13 22.68
C ALA A 297 1.41 -4.56 21.50
N ASN A 298 0.83 -4.48 20.30
CA ASN A 298 1.52 -4.85 19.07
C ASN A 298 2.00 -3.61 18.31
N PHE A 299 3.25 -3.24 18.55
CA PHE A 299 3.88 -2.06 17.93
C PHE A 299 5.01 -2.49 16.99
N SER A 300 4.82 -3.64 16.34
CA SER A 300 5.89 -4.31 15.59
C SER A 300 6.37 -3.61 14.30
N ARG A 301 5.55 -2.71 13.76
CA ARG A 301 5.93 -1.98 12.54
C ARG A 301 6.73 -0.70 12.81
N ILE A 302 6.77 -0.24 14.06
CA ILE A 302 7.61 0.90 14.43
C ILE A 302 9.10 0.52 14.39
N THR A 303 9.47 -0.51 15.15
CA THR A 303 10.85 -0.95 15.29
C THR A 303 10.91 -2.43 15.71
N GLN A 304 12.07 -3.05 15.49
CA GLN A 304 12.32 -4.41 15.95
C GLN A 304 13.40 -4.45 17.04
N ASP A 305 13.93 -3.27 17.38
CA ASP A 305 14.92 -3.12 18.44
C ASP A 305 14.31 -3.21 19.84
N ALA A 306 12.98 -3.11 19.90
CA ALA A 306 12.23 -3.27 21.15
C ALA A 306 10.75 -3.47 20.85
N GLN A 307 10.09 -4.27 21.69
CA GLN A 307 8.64 -4.39 21.67
C GLN A 307 8.05 -3.30 22.57
N LEU A 308 7.24 -2.43 21.97
CA LEU A 308 6.78 -1.20 22.62
C LEU A 308 5.31 -1.21 23.01
N LYS A 309 5.00 -0.50 24.09
CA LYS A 309 3.63 -0.20 24.49
C LYS A 309 3.50 1.30 24.78
N SER A 310 2.28 1.82 24.75
CA SER A 310 2.02 3.22 25.06
C SER A 310 1.85 3.40 26.57
N SER A 311 2.65 4.29 27.15
CA SER A 311 2.59 4.57 28.58
C SER A 311 1.64 5.72 28.92
N LYS A 312 1.59 6.73 28.03
CA LYS A 312 0.79 7.93 28.26
C LYS A 312 0.38 8.64 26.96
N VAL A 313 -0.89 9.06 26.91
CA VAL A 313 -1.42 9.87 25.82
C VAL A 313 -2.05 11.14 26.42
N VAL A 314 -1.50 12.29 26.05
CA VAL A 314 -1.91 13.58 26.61
C VAL A 314 -2.18 14.63 25.51
N HIS A 315 -3.27 15.36 25.67
CA HIS A 315 -3.63 16.46 24.77
C HIS A 315 -3.70 17.78 25.55
N LYS A 316 -3.19 18.84 24.93
CA LYS A 316 -3.25 20.18 25.51
C LYS A 316 -3.62 21.21 24.44
N ALA A 317 -4.57 22.09 24.78
CA ALA A 317 -5.05 23.10 23.84
C ALA A 317 -5.39 24.43 24.50
N VAL A 318 -5.19 25.52 23.77
CA VAL A 318 -5.48 26.87 24.24
C VAL A 318 -6.41 27.62 23.29
N LEU A 319 -7.30 28.45 23.85
CA LEU A 319 -8.25 29.22 23.04
C LEU A 319 -8.26 30.69 23.45
N GLN A 320 -8.14 31.57 22.46
CA GLN A 320 -8.31 33.01 22.65
C GLN A 320 -9.39 33.58 21.74
N LEU A 321 -10.33 34.32 22.34
CA LEU A 321 -11.37 35.01 21.58
C LEU A 321 -11.30 36.52 21.84
N ASN A 322 -11.35 37.29 20.75
CA ASN A 322 -11.41 38.75 20.85
C ASN A 322 -12.26 39.38 19.75
N GLU A 323 -12.32 40.71 19.73
CA GLU A 323 -13.12 41.47 18.78
C GLU A 323 -12.69 41.27 17.33
N GLU A 324 -11.41 40.98 17.13
CA GLU A 324 -10.83 40.83 15.79
C GLU A 324 -10.96 39.40 15.23
N GLY A 325 -10.85 38.41 16.12
CA GLY A 325 -10.91 37.02 15.67
C GLY A 325 -10.68 35.97 16.75
N THR A 326 -10.14 34.84 16.32
CA THR A 326 -9.89 33.71 17.19
C THR A 326 -8.46 33.22 17.00
N GLU A 327 -7.83 32.81 18.11
CA GLU A 327 -6.52 32.18 18.06
C GLU A 327 -6.56 30.89 18.89
N ALA A 328 -6.50 29.76 18.19
CA ALA A 328 -6.55 28.46 18.83
C ALA A 328 -5.32 27.63 18.47
N ALA A 329 -4.88 26.81 19.42
CA ALA A 329 -3.73 25.94 19.23
C ALA A 329 -3.92 24.65 20.03
N GLY A 330 -3.30 23.58 19.55
CA GLY A 330 -3.40 22.28 20.19
C GLY A 330 -2.17 21.43 19.96
N ALA A 331 -1.89 20.54 20.91
CA ALA A 331 -0.76 19.63 20.80
C ALA A 331 -1.07 18.31 21.50
N MET A 332 -0.71 17.22 20.84
CA MET A 332 -0.80 15.89 21.43
C MET A 332 0.57 15.25 21.55
N PHE A 333 0.75 14.45 22.60
CA PHE A 333 1.93 13.58 22.68
C PHE A 333 1.59 12.17 23.13
N LEU A 334 2.31 11.23 22.54
CA LEU A 334 2.18 9.83 22.90
C LEU A 334 3.54 9.30 23.32
N GLU A 335 3.61 8.80 24.54
CA GLU A 335 4.84 8.23 25.08
C GLU A 335 4.82 6.72 24.97
N ALA A 336 5.91 6.17 24.42
CA ALA A 336 6.06 4.73 24.31
C ALA A 336 7.25 4.27 25.15
N ILE A 337 7.08 3.15 25.83
CA ILE A 337 8.15 2.52 26.61
C ILE A 337 8.27 1.04 26.23
N PRO A 338 9.40 0.38 26.60
CA PRO A 338 9.47 -1.07 26.41
C PRO A 338 8.35 -1.79 27.15
N ARG A 339 7.71 -2.72 26.44
CA ARG A 339 6.55 -3.47 26.92
C ARG A 339 6.77 -4.12 28.29
N LYS A 341 -36.47 44.18 14.92
CA LYS A 341 -35.94 44.12 16.32
C LYS A 341 -34.90 43.01 16.52
N PRO A 342 -33.71 43.38 17.04
CA PRO A 342 -32.65 42.40 17.26
C PRO A 342 -32.94 41.43 18.40
N ILE A 343 -32.62 40.16 18.16
CA ILE A 343 -32.73 39.11 19.16
C ILE A 343 -31.49 39.16 20.05
N ILE A 344 -31.70 39.27 21.36
CA ILE A 344 -30.58 39.32 22.30
C ILE A 344 -30.12 37.90 22.61
N LEU A 345 -28.90 37.57 22.19
CA LEU A 345 -28.29 36.29 22.52
C LEU A 345 -27.03 36.53 23.36
N ARG A 346 -27.11 36.15 24.63
CA ARG A 346 -26.08 36.47 25.60
C ARG A 346 -25.41 35.21 26.13
N PHE A 347 -24.12 35.05 25.82
CA PHE A 347 -23.34 33.91 26.28
C PHE A 347 -22.66 34.22 27.62
N ASN A 348 -23.48 34.36 28.65
CA ASN A 348 -23.02 34.69 30.00
C ASN A 348 -23.12 33.50 30.96
N GLN A 349 -23.00 32.30 30.39
CA GLN A 349 -23.09 31.03 31.11
C GLN A 349 -22.51 29.91 30.25
N PRO A 350 -22.23 28.73 30.84
CA PRO A 350 -21.65 27.61 30.09
C PRO A 350 -22.25 27.40 28.70
N PHE A 351 -21.38 27.33 27.69
CA PHE A 351 -21.81 27.16 26.30
C PHE A 351 -20.87 26.26 25.49
N ILE A 352 -21.28 25.96 24.26
CA ILE A 352 -20.55 25.04 23.37
C ILE A 352 -19.96 25.80 22.17
N ILE A 353 -18.71 25.47 21.84
CA ILE A 353 -18.06 26.00 20.64
C ILE A 353 -17.64 24.87 19.71
N MET A 354 -17.99 24.98 18.43
CA MET A 354 -17.55 24.04 17.40
C MET A 354 -16.91 24.80 16.25
N ILE A 355 -15.60 24.66 16.08
CA ILE A 355 -14.89 25.28 14.95
C ILE A 355 -14.63 24.25 13.84
N PHE A 356 -15.14 24.54 12.65
CA PHE A 356 -15.06 23.64 11.49
C PHE A 356 -14.35 24.29 10.30
N ASP A 357 -13.94 23.44 9.35
CA ASP A 357 -13.49 23.89 8.04
C ASP A 357 -14.58 23.58 7.02
N HIS A 358 -15.09 24.62 6.36
CA HIS A 358 -16.08 24.48 5.27
C HIS A 358 -15.61 23.55 4.15
N PHE A 359 -14.31 23.59 3.84
CA PHE A 359 -13.74 22.93 2.67
C PHE A 359 -13.63 21.40 2.81
N THR A 360 -13.17 20.94 3.98
CA THR A 360 -12.92 19.52 4.20
C THR A 360 -13.93 18.85 5.15
N TRP A 361 -14.74 19.68 5.82
CA TRP A 361 -15.69 19.24 6.86
C TRP A 361 -15.01 18.75 8.15
N SER A 362 -13.75 19.13 8.35
CA SER A 362 -12.99 18.69 9.52
C SER A 362 -13.34 19.47 10.77
N SER A 363 -13.62 18.74 11.85
CA SER A 363 -13.79 19.33 13.17
C SER A 363 -12.43 19.77 13.70
N LEU A 364 -12.19 21.08 13.65
CA LEU A 364 -10.89 21.63 14.04
C LEU A 364 -10.76 21.77 15.56
N PHE A 365 -11.77 22.35 16.19
CA PHE A 365 -11.78 22.56 17.63
C PHE A 365 -13.18 22.40 18.24
N LEU A 366 -13.26 21.68 19.36
CA LEU A 366 -14.50 21.59 20.14
C LEU A 366 -14.29 22.12 21.55
N ALA A 367 -15.27 22.87 22.05
CA ALA A 367 -15.19 23.44 23.39
C ALA A 367 -16.46 23.30 24.21
N ARG A 368 -16.28 23.11 25.51
CA ARG A 368 -17.36 23.31 26.50
C ARG A 368 -16.86 24.34 27.50
N VAL A 369 -17.31 25.59 27.33
CA VAL A 369 -16.84 26.70 28.15
C VAL A 369 -17.65 26.81 29.44
N MET A 370 -17.05 26.34 30.53
CA MET A 370 -17.68 26.42 31.85
C MET A 370 -17.30 27.72 32.56
N ASN A 371 -16.13 28.26 32.20
CA ASN A 371 -15.57 29.46 32.81
C ASN A 371 -14.54 30.09 31.87
N PRO A 372 -14.85 31.28 31.30
CA PRO A 372 -13.98 31.92 30.30
C PRO A 372 -12.66 32.43 30.86
N VAL A 373 -12.53 32.46 32.18
CA VAL A 373 -11.30 32.90 32.84
C VAL A 373 -10.46 31.68 33.25
N GLY B 6 -4.69 -22.37 -4.08
CA GLY B 6 -3.21 -22.57 -4.00
C GLY B 6 -2.44 -21.77 -5.03
N LEU B 7 -1.29 -21.23 -4.62
CA LEU B 7 -0.43 -20.44 -5.51
C LEU B 7 0.24 -21.29 -6.59
N ALA B 8 0.85 -22.39 -6.18
CA ALA B 8 1.52 -23.30 -7.11
C ALA B 8 0.56 -23.94 -8.10
N SER B 9 -0.64 -24.29 -7.62
CA SER B 9 -1.67 -24.94 -8.43
C SER B 9 -2.16 -24.10 -9.60
N ALA B 10 -2.23 -22.78 -9.40
CA ALA B 10 -2.75 -21.87 -10.40
C ALA B 10 -1.77 -21.61 -11.55
N ASN B 11 -0.49 -21.43 -11.21
CA ASN B 11 0.55 -21.09 -12.18
C ASN B 11 0.95 -22.24 -13.10
N VAL B 12 0.73 -23.47 -12.64
CA VAL B 12 1.03 -24.66 -13.44
C VAL B 12 -0.05 -24.86 -14.51
N ASP B 13 -1.31 -24.63 -14.13
CA ASP B 13 -2.44 -24.71 -15.05
C ASP B 13 -2.36 -23.68 -16.18
N PHE B 14 -1.89 -22.48 -15.85
CA PHE B 14 -1.67 -21.43 -16.84
C PHE B 14 -0.48 -21.77 -17.75
N ALA B 15 0.54 -22.38 -17.15
CA ALA B 15 1.76 -22.78 -17.87
C ALA B 15 1.46 -23.77 -18.99
N PHE B 16 0.69 -24.81 -18.67
CA PHE B 16 0.34 -25.84 -19.65
C PHE B 16 -0.62 -25.32 -20.71
N SER B 17 -1.64 -24.58 -20.27
CA SER B 17 -2.62 -23.99 -21.17
C SER B 17 -1.99 -23.05 -22.20
N LEU B 18 -1.08 -22.19 -21.74
CA LEU B 18 -0.34 -21.28 -22.60
C LEU B 18 0.57 -22.05 -23.57
N TYR B 19 1.25 -23.07 -23.04
CA TYR B 19 2.11 -23.97 -23.82
C TYR B 19 1.32 -24.65 -24.94
N LYS B 20 0.18 -25.24 -24.58
CA LYS B 20 -0.70 -25.93 -25.53
C LYS B 20 -1.21 -25.01 -26.64
N HIS B 21 -1.56 -23.78 -26.28
CA HIS B 21 -2.04 -22.78 -27.24
C HIS B 21 -0.97 -22.35 -28.24
N LEU B 22 0.27 -22.19 -27.75
CA LEU B 22 1.41 -21.85 -28.61
C LEU B 22 1.81 -23.01 -29.50
N VAL B 23 1.67 -24.24 -29.00
CA VAL B 23 1.93 -25.46 -29.76
C VAL B 23 0.97 -25.60 -30.95
N ALA B 24 -0.31 -25.31 -30.71
CA ALA B 24 -1.34 -25.38 -31.75
C ALA B 24 -1.16 -24.33 -32.85
N LEU B 25 -0.43 -23.25 -32.55
CA LEU B 25 -0.19 -22.17 -33.52
C LEU B 25 1.04 -22.40 -34.41
N SER B 26 2.08 -22.99 -33.84
CA SER B 26 3.30 -23.33 -34.59
C SER B 26 3.62 -24.82 -34.46
N PRO B 27 3.19 -25.63 -35.44
CA PRO B 27 3.25 -27.09 -35.35
C PRO B 27 4.60 -27.72 -35.72
N LYS B 28 5.51 -26.92 -36.27
CA LYS B 28 6.79 -27.44 -36.75
C LYS B 28 8.01 -26.67 -36.21
N LYS B 29 7.76 -25.72 -35.31
CA LYS B 29 8.81 -24.84 -34.78
C LYS B 29 9.20 -25.16 -33.34
N ASN B 30 10.44 -24.80 -32.98
CA ASN B 30 10.91 -24.89 -31.60
C ASN B 30 10.14 -23.92 -30.70
N ILE B 31 9.61 -24.44 -29.60
CA ILE B 31 8.92 -23.61 -28.63
C ILE B 31 9.65 -23.67 -27.28
N PHE B 32 10.11 -22.50 -26.81
CA PHE B 32 10.72 -22.38 -25.50
C PHE B 32 10.22 -21.13 -24.78
N ILE B 33 9.55 -21.35 -23.65
CA ILE B 33 8.93 -20.27 -22.88
C ILE B 33 9.28 -20.34 -21.39
N SER B 34 9.12 -19.21 -20.71
CA SER B 34 9.19 -19.16 -19.25
C SER B 34 7.82 -18.76 -18.70
N PRO B 35 6.99 -19.76 -18.33
CA PRO B 35 5.64 -19.55 -17.81
C PRO B 35 5.57 -18.68 -16.55
N VAL B 36 6.54 -18.85 -15.65
CA VAL B 36 6.62 -18.09 -14.40
C VAL B 36 6.92 -16.60 -14.66
N SER B 37 7.68 -16.33 -15.72
CA SER B 37 8.03 -14.97 -16.13
C SER B 37 6.80 -14.23 -16.68
N ILE B 38 5.92 -14.97 -17.36
CA ILE B 38 4.70 -14.42 -17.92
C ILE B 38 3.65 -14.23 -16.83
N SER B 39 3.58 -15.19 -15.90
CA SER B 39 2.65 -15.13 -14.78
C SER B 39 2.99 -14.04 -13.77
N MET B 40 4.28 -13.77 -13.57
CA MET B 40 4.72 -12.74 -12.63
C MET B 40 4.47 -11.33 -13.19
N ALA B 41 4.81 -11.14 -14.47
CA ALA B 41 4.61 -9.86 -15.14
C ALA B 41 3.13 -9.46 -15.19
N LEU B 42 2.28 -10.40 -15.58
CA LEU B 42 0.84 -10.16 -15.71
C LEU B 42 0.14 -10.02 -14.36
N ALA B 43 0.66 -10.71 -13.34
CA ALA B 43 0.12 -10.62 -11.99
C ALA B 43 0.46 -9.28 -11.35
N MET B 44 1.67 -8.78 -11.59
CA MET B 44 2.09 -7.46 -11.14
C MET B 44 1.22 -6.39 -11.80
N LEU B 45 0.88 -6.62 -13.06
CA LEU B 45 0.04 -5.74 -13.86
C LEU B 45 -1.38 -5.63 -13.29
N SER B 46 -1.84 -6.70 -12.65
CA SER B 46 -3.19 -6.74 -12.05
C SER B 46 -3.38 -5.81 -10.86
N LEU B 47 -2.26 -5.43 -10.23
CA LEU B 47 -2.28 -4.47 -9.12
C LEU B 47 -2.74 -3.08 -9.57
N GLY B 48 -2.62 -2.81 -10.86
CA GLY B 48 -3.06 -1.55 -11.44
C GLY B 48 -4.39 -1.64 -12.15
N THR B 49 -4.96 -2.84 -12.19
CA THR B 49 -6.25 -3.05 -12.84
C THR B 49 -7.36 -3.06 -11.79
N CYS B 50 -8.59 -2.81 -12.24
CA CYS B 50 -9.74 -2.78 -11.35
C CYS B 50 -10.98 -3.29 -12.08
N GLY B 51 -12.01 -3.63 -11.31
CA GLY B 51 -13.29 -4.07 -11.86
C GLY B 51 -13.22 -5.37 -12.64
N HIS B 52 -13.89 -5.38 -13.80
CA HIS B 52 -13.97 -6.58 -14.63
C HIS B 52 -12.65 -6.95 -15.29
N THR B 53 -11.85 -5.94 -15.64
CA THR B 53 -10.50 -6.15 -16.18
C THR B 53 -9.64 -6.90 -15.15
N ARG B 54 -9.76 -6.50 -13.89
CA ARG B 54 -9.04 -7.13 -12.79
C ARG B 54 -9.49 -8.58 -12.56
N ALA B 55 -10.81 -8.80 -12.57
CA ALA B 55 -11.39 -10.12 -12.37
C ALA B 55 -11.05 -11.08 -13.52
N GLN B 56 -11.16 -10.58 -14.75
CA GLN B 56 -10.91 -11.38 -15.95
C GLN B 56 -9.45 -11.80 -16.08
N LEU B 57 -8.55 -10.94 -15.61
CA LEU B 57 -7.11 -11.21 -15.66
C LEU B 57 -6.68 -12.24 -14.62
N LEU B 58 -7.19 -12.12 -13.40
CA LEU B 58 -6.82 -13.02 -12.31
C LEU B 58 -7.41 -14.42 -12.48
N GLN B 59 -8.64 -14.47 -13.01
CA GLN B 59 -9.28 -15.75 -13.35
C GLN B 59 -8.54 -16.41 -14.52
N GLY B 60 -8.15 -15.61 -15.49
CA GLY B 60 -7.37 -16.07 -16.65
C GLY B 60 -5.99 -16.59 -16.28
N LEU B 61 -5.46 -16.13 -15.14
CA LEU B 61 -4.17 -16.59 -14.63
C LEU B 61 -4.28 -17.87 -13.81
N GLY B 62 -5.52 -18.27 -13.52
CA GLY B 62 -5.79 -19.54 -12.84
C GLY B 62 -6.18 -19.42 -11.37
N PHE B 63 -6.30 -18.19 -10.88
CA PHE B 63 -6.57 -17.94 -9.46
C PHE B 63 -8.06 -17.96 -9.12
N ASN B 64 -8.38 -18.46 -7.92
CA ASN B 64 -9.75 -18.47 -7.41
C ASN B 64 -9.96 -17.42 -6.33
N LEU B 65 -10.57 -16.29 -6.72
CA LEU B 65 -10.78 -15.16 -5.82
C LEU B 65 -11.96 -15.38 -4.88
N SER B 69 -7.58 -14.75 -1.41
CA SER B 69 -7.59 -13.30 -1.58
C SER B 69 -6.47 -12.83 -2.49
N GLU B 70 -6.56 -11.57 -2.93
CA GLU B 70 -5.56 -10.98 -3.83
C GLU B 70 -4.20 -10.78 -3.14
N THR B 71 -4.23 -10.31 -1.91
CA THR B 71 -3.01 -10.04 -1.14
C THR B 71 -2.18 -11.30 -0.89
N GLU B 72 -2.84 -12.45 -0.75
CA GLU B 72 -2.17 -13.74 -0.60
C GLU B 72 -1.51 -14.22 -1.88
N ILE B 73 -2.08 -13.79 -3.02
CA ILE B 73 -1.52 -14.11 -4.34
C ILE B 73 -0.21 -13.36 -4.59
N HIS B 74 -0.20 -12.06 -4.27
CA HIS B 74 0.99 -11.23 -4.45
C HIS B 74 2.09 -11.54 -3.43
N GLN B 75 1.69 -11.99 -2.24
CA GLN B 75 2.64 -12.50 -1.24
C GLN B 75 3.28 -13.79 -1.72
N GLY B 76 2.53 -14.56 -2.51
CA GLY B 76 3.02 -15.77 -3.14
C GLY B 76 4.09 -15.48 -4.19
N PHE B 77 3.88 -14.42 -4.97
CA PHE B 77 4.86 -13.99 -5.97
C PHE B 77 6.07 -13.30 -5.34
N GLN B 78 5.88 -12.72 -4.16
CA GLN B 78 6.97 -12.14 -3.38
C GLN B 78 7.90 -13.24 -2.89
N HIS B 79 7.32 -14.37 -2.49
CA HIS B 79 8.05 -15.54 -2.05
C HIS B 79 8.94 -16.10 -3.16
N LEU B 80 8.33 -16.31 -4.33
CA LEU B 80 9.03 -16.81 -5.52
C LEU B 80 10.20 -15.91 -5.92
N HIS B 81 9.96 -14.60 -5.93
CA HIS B 81 10.96 -13.61 -6.32
C HIS B 81 12.15 -13.55 -5.35
N GLN B 82 11.87 -13.69 -4.06
CA GLN B 82 12.91 -13.64 -3.02
C GLN B 82 13.73 -14.92 -2.96
N LEU B 83 13.10 -16.05 -3.29
CA LEU B 83 13.78 -17.36 -3.29
C LEU B 83 14.60 -17.60 -4.55
N PHE B 84 14.18 -17.02 -5.66
CA PHE B 84 14.90 -17.17 -6.93
C PHE B 84 15.99 -16.09 -7.05
N ALA B 85 16.85 -16.02 -6.04
CA ALA B 85 17.96 -15.09 -6.01
C ALA B 85 19.19 -15.75 -5.41
N LYS B 86 20.08 -16.24 -6.28
CA LYS B 86 21.33 -16.89 -5.86
C LYS B 86 22.43 -16.69 -6.90
N SER B 87 23.67 -16.66 -6.44
CA SER B 87 24.84 -16.56 -7.31
C SER B 87 26.03 -17.31 -6.69
N ASP B 88 25.83 -18.62 -6.49
CA ASP B 88 26.88 -19.48 -5.94
C ASP B 88 27.74 -20.09 -7.05
N THR B 89 28.55 -21.08 -6.68
CA THR B 89 29.47 -21.73 -7.62
C THR B 89 28.80 -22.79 -8.49
N SER B 90 27.70 -23.35 -8.00
CA SER B 90 26.99 -24.44 -8.68
C SER B 90 25.60 -24.03 -9.18
N LEU B 91 25.10 -22.91 -8.65
CA LEU B 91 23.76 -22.42 -8.98
C LEU B 91 23.72 -20.90 -9.07
N GLU B 92 23.20 -20.40 -10.19
CA GLU B 92 22.97 -18.97 -10.38
C GLU B 92 21.52 -18.73 -10.79
N MET B 93 20.81 -17.96 -9.98
CA MET B 93 19.41 -17.64 -10.23
C MET B 93 19.15 -16.16 -10.00
N THR B 94 18.53 -15.51 -10.97
CA THR B 94 18.07 -14.12 -10.80
C THR B 94 16.73 -13.89 -11.50
N MET B 95 15.89 -13.09 -10.86
CA MET B 95 14.55 -12.78 -11.35
C MET B 95 14.15 -11.40 -10.86
N GLY B 96 13.55 -10.60 -11.73
CA GLY B 96 13.19 -9.23 -11.36
C GLY B 96 12.19 -8.54 -12.26
N ASN B 97 11.69 -7.41 -11.78
CA ASN B 97 10.67 -6.64 -12.47
C ASN B 97 11.08 -5.18 -12.61
N ALA B 98 10.67 -4.55 -13.71
CA ALA B 98 10.95 -3.14 -13.95
C ALA B 98 9.80 -2.43 -14.65
N LEU B 99 9.54 -1.21 -14.23
CA LEU B 99 8.50 -0.37 -14.84
C LEU B 99 9.16 0.86 -15.47
N PHE B 100 9.14 0.91 -16.79
CA PHE B 100 9.66 2.06 -17.53
C PHE B 100 8.51 3.01 -17.84
N LEU B 101 8.59 4.21 -17.27
CA LEU B 101 7.46 5.15 -17.28
C LEU B 101 7.85 6.47 -17.95
N ASP B 102 6.96 6.98 -18.79
CA ASP B 102 7.15 8.28 -19.43
C ASP B 102 7.20 9.39 -18.39
N GLY B 103 8.05 10.39 -18.63
CA GLY B 103 8.19 11.54 -17.74
C GLY B 103 6.91 12.33 -17.53
N SER B 104 6.05 12.33 -18.54
CA SER B 104 4.75 13.01 -18.48
C SER B 104 3.74 12.26 -17.61
N LEU B 105 4.12 11.05 -17.19
CA LEU B 105 3.22 10.14 -16.50
C LEU B 105 3.66 9.92 -15.05
N GLU B 106 2.68 9.81 -14.15
CA GLU B 106 2.94 9.56 -12.74
C GLU B 106 2.04 8.46 -12.19
N LEU B 107 2.63 7.55 -11.43
CA LEU B 107 1.90 6.46 -10.80
C LEU B 107 1.15 6.92 -9.56
N LEU B 108 -0.01 6.31 -9.32
CA LEU B 108 -0.70 6.48 -8.04
C LEU B 108 0.09 5.76 -6.95
N GLU B 109 0.23 6.42 -5.81
CA GLU B 109 1.15 5.96 -4.75
C GLU B 109 0.82 4.61 -4.12
N SER B 110 -0.45 4.21 -4.16
CA SER B 110 -0.88 2.90 -3.67
C SER B 110 -0.38 1.78 -4.57
N PHE B 111 -0.36 2.03 -5.88
CA PHE B 111 0.15 1.08 -6.87
C PHE B 111 1.67 0.96 -6.81
N SER B 112 2.36 2.10 -6.77
CA SER B 112 3.81 2.13 -6.69
C SER B 112 4.34 1.49 -5.40
N ALA B 113 3.59 1.64 -4.31
CA ALA B 113 3.92 0.99 -3.05
C ALA B 113 3.77 -0.52 -3.13
N ASP B 114 2.73 -0.97 -3.84
CA ASP B 114 2.44 -2.39 -4.02
C ASP B 114 3.49 -3.13 -4.86
N ILE B 115 3.87 -2.52 -5.99
CA ILE B 115 4.86 -3.14 -6.89
C ILE B 115 6.27 -3.18 -6.29
N LYS B 116 6.54 -2.26 -5.37
CA LYS B 116 7.80 -2.23 -4.64
C LYS B 116 7.78 -3.21 -3.47
N HIS B 117 6.63 -3.34 -2.82
CA HIS B 117 6.46 -4.26 -1.69
C HIS B 117 6.43 -5.73 -2.14
N TYR B 118 5.56 -6.05 -3.09
CA TYR B 118 5.34 -7.43 -3.51
C TYR B 118 6.27 -7.92 -4.62
N TYR B 119 6.72 -7.01 -5.48
CA TYR B 119 7.52 -7.39 -6.64
C TYR B 119 8.90 -6.73 -6.69
N GLU B 120 9.15 -5.82 -5.74
CA GLU B 120 10.41 -5.06 -5.66
C GLU B 120 10.79 -4.47 -7.03
N SER B 121 9.79 -3.92 -7.71
CA SER B 121 9.95 -3.42 -9.06
C SER B 121 10.69 -2.09 -9.09
N GLU B 122 11.52 -1.92 -10.11
CA GLU B 122 12.21 -0.65 -10.35
C GLU B 122 11.28 0.27 -11.14
N VAL B 123 11.21 1.53 -10.72
CA VAL B 123 10.41 2.52 -11.44
C VAL B 123 11.35 3.54 -12.05
N LEU B 124 11.60 3.38 -13.35
CA LEU B 124 12.56 4.23 -14.06
C LEU B 124 11.87 5.21 -14.99
N ALA B 125 12.13 6.50 -14.76
CA ALA B 125 11.55 7.58 -15.54
C ALA B 125 12.23 7.67 -16.91
N MET B 126 11.41 7.70 -17.96
CA MET B 126 11.89 7.62 -19.33
C MET B 126 11.32 8.73 -20.21
N ASN B 127 12.02 9.06 -21.28
CA ASN B 127 11.51 9.98 -22.29
C ASN B 127 11.20 9.21 -23.57
N PHE B 128 9.94 8.79 -23.71
CA PHE B 128 9.50 7.99 -24.85
C PHE B 128 9.33 8.81 -26.14
N GLN B 129 9.45 10.14 -26.02
CA GLN B 129 9.52 11.01 -27.19
C GLN B 129 10.86 10.86 -27.89
N ASP B 130 11.90 10.60 -27.10
CA ASP B 130 13.21 10.18 -27.61
C ASP B 130 13.17 8.66 -27.69
N TRP B 131 12.54 8.16 -28.75
CA TRP B 131 12.23 6.74 -28.88
C TRP B 131 13.45 5.85 -29.12
N ALA B 132 14.47 6.40 -29.75
CA ALA B 132 15.70 5.66 -30.04
C ALA B 132 16.50 5.33 -28.78
N THR B 133 16.72 6.35 -27.94
CA THR B 133 17.50 6.19 -26.71
C THR B 133 16.73 5.40 -25.65
N ALA B 134 15.40 5.59 -25.62
CA ALA B 134 14.53 4.88 -24.70
C ALA B 134 14.51 3.37 -24.96
N SER B 135 14.37 3.00 -26.24
CA SER B 135 14.32 1.59 -26.64
C SER B 135 15.66 0.89 -26.45
N ARG B 136 16.76 1.62 -26.64
CA ARG B 136 18.10 1.11 -26.39
C ARG B 136 18.38 0.92 -24.90
N GLN B 137 17.77 1.76 -24.07
CA GLN B 137 17.93 1.68 -22.62
C GLN B 137 17.19 0.47 -22.04
N ILE B 138 16.01 0.18 -22.59
CA ILE B 138 15.22 -0.98 -22.19
C ILE B 138 15.90 -2.28 -22.66
N ASN B 139 16.39 -2.28 -23.90
CA ASN B 139 17.10 -3.42 -24.47
C ASN B 139 18.38 -3.78 -23.71
N SER B 140 19.17 -2.77 -23.36
CA SER B 140 20.43 -2.98 -22.64
C SER B 140 20.21 -3.31 -21.17
N TYR B 141 19.09 -2.85 -20.61
CA TYR B 141 18.68 -3.24 -19.26
C TYR B 141 18.43 -4.75 -19.21
N VAL B 142 17.64 -5.22 -20.18
CA VAL B 142 17.30 -6.64 -20.30
C VAL B 142 18.53 -7.49 -20.60
N LYS B 143 19.39 -7.00 -21.49
CA LYS B 143 20.63 -7.69 -21.85
C LYS B 143 21.52 -7.91 -20.64
N ASN B 144 21.75 -6.85 -19.86
CA ASN B 144 22.60 -6.91 -18.68
C ASN B 144 22.06 -7.81 -17.56
N LYS B 145 20.74 -7.78 -17.36
CA LYS B 145 20.10 -8.60 -16.32
C LYS B 145 20.09 -10.09 -16.66
N THR B 146 19.97 -10.39 -17.95
CA THR B 146 19.96 -11.78 -18.44
C THR B 146 21.34 -12.27 -18.86
N GLN B 147 22.37 -11.52 -18.49
CA GLN B 147 23.78 -11.88 -18.74
C GLN B 147 24.09 -12.00 -20.24
N GLY B 148 23.49 -11.12 -21.04
CA GLY B 148 23.72 -11.09 -22.48
C GLY B 148 22.89 -12.07 -23.29
N LYS B 149 22.15 -12.94 -22.60
CA LYS B 149 21.40 -14.03 -23.24
C LYS B 149 20.16 -13.58 -24.00
N ILE B 150 19.56 -12.46 -23.58
CA ILE B 150 18.42 -11.89 -24.30
C ILE B 150 18.82 -10.58 -24.97
N VAL B 151 18.94 -10.64 -26.29
CA VAL B 151 19.31 -9.46 -27.10
C VAL B 151 18.09 -9.02 -27.91
N ASP B 152 17.84 -7.70 -27.92
CA ASP B 152 16.74 -7.08 -28.65
C ASP B 152 15.36 -7.64 -28.27
N LEU B 153 14.98 -7.48 -27.01
CA LEU B 153 13.64 -7.85 -26.57
C LEU B 153 12.62 -6.83 -27.08
N PHE B 154 12.87 -5.56 -26.75
CA PHE B 154 11.98 -4.47 -27.15
C PHE B 154 12.17 -4.16 -28.63
N SER B 155 11.49 -4.92 -29.48
CA SER B 155 11.56 -4.76 -30.93
C SER B 155 10.20 -5.01 -31.60
N SER B 159 3.43 0.69 -31.77
CA SER B 159 2.65 1.37 -30.73
C SER B 159 3.47 2.46 -30.05
N PRO B 160 2.86 3.65 -29.85
CA PRO B 160 3.53 4.72 -29.11
C PRO B 160 3.37 4.56 -27.60
N ALA B 161 4.27 3.78 -27.00
CA ALA B 161 4.20 3.43 -25.59
C ALA B 161 4.52 4.60 -24.66
N ILE B 162 3.80 4.68 -23.55
CA ILE B 162 4.11 5.62 -22.47
C ILE B 162 4.47 4.87 -21.18
N LEU B 163 4.12 3.58 -21.14
CA LEU B 163 4.45 2.71 -20.02
C LEU B 163 4.89 1.35 -20.56
N VAL B 164 6.05 0.88 -20.09
CA VAL B 164 6.57 -0.43 -20.47
C VAL B 164 6.89 -1.24 -19.22
N LEU B 165 6.16 -2.34 -19.05
CA LEU B 165 6.37 -3.27 -17.94
C LEU B 165 7.33 -4.39 -18.38
N VAL B 166 8.34 -4.66 -17.55
CA VAL B 166 9.38 -5.64 -17.89
C VAL B 166 9.58 -6.67 -16.78
N ASN B 167 9.68 -7.95 -17.18
CA ASN B 167 10.12 -9.04 -16.30
C ASN B 167 11.28 -9.78 -16.94
N TYR B 168 12.22 -10.23 -16.11
CA TYR B 168 13.33 -11.07 -16.57
C TYR B 168 13.59 -12.23 -15.62
N ILE B 169 14.12 -13.32 -16.16
CA ILE B 169 14.53 -14.47 -15.39
C ILE B 169 15.81 -15.05 -16.00
N PHE B 170 16.80 -15.34 -15.16
CA PHE B 170 18.02 -16.01 -15.60
C PHE B 170 18.31 -17.22 -14.71
N PHE B 171 18.48 -18.37 -15.35
CA PHE B 171 18.70 -19.64 -14.65
C PHE B 171 19.97 -20.31 -15.13
N LYS B 172 20.79 -20.76 -14.18
CA LYS B 172 22.01 -21.50 -14.48
C LYS B 172 22.16 -22.62 -13.45
N GLY B 173 21.86 -23.84 -13.88
CA GLY B 173 21.92 -25.00 -13.00
C GLY B 173 22.91 -26.04 -13.46
N THR B 174 23.66 -26.60 -12.50
CA THR B 174 24.61 -27.67 -12.77
C THR B 174 23.92 -29.02 -12.52
N TRP B 175 24.11 -29.96 -13.45
CA TRP B 175 23.58 -31.31 -13.30
C TRP B 175 24.08 -31.97 -12.02
N THR B 176 23.17 -32.56 -11.26
CA THR B 176 23.52 -33.42 -10.14
C THR B 176 24.27 -34.64 -10.70
N GLN B 177 23.80 -35.15 -11.83
CA GLN B 177 24.46 -36.21 -12.56
C GLN B 177 24.89 -35.71 -13.94
N PRO B 178 26.17 -35.30 -14.06
CA PRO B 178 26.68 -34.73 -15.31
C PRO B 178 26.85 -35.75 -16.41
N PHE B 179 26.64 -35.32 -17.65
CA PHE B 179 26.90 -36.15 -18.83
C PHE B 179 28.40 -36.30 -19.03
N ASP B 180 28.81 -37.43 -19.59
CA ASP B 180 30.22 -37.75 -19.78
C ASP B 180 30.79 -37.00 -20.99
N LEU B 181 31.77 -36.14 -20.75
CA LEU B 181 32.39 -35.34 -21.80
C LEU B 181 32.98 -36.18 -22.93
N ALA B 182 33.59 -37.31 -22.57
CA ALA B 182 34.19 -38.24 -23.53
C ALA B 182 33.15 -39.02 -24.36
N SER B 183 31.95 -39.19 -23.82
CA SER B 183 30.92 -39.99 -24.48
C SER B 183 30.20 -39.29 -25.63
N THR B 184 30.35 -37.97 -25.70
CA THR B 184 29.64 -37.14 -26.68
C THR B 184 30.11 -37.41 -28.12
N ARG B 185 29.15 -37.77 -28.97
CA ARG B 185 29.38 -38.00 -30.39
C ARG B 185 28.34 -37.26 -31.23
N GLU B 186 28.72 -36.86 -32.43
CA GLU B 186 27.78 -36.32 -33.41
C GLU B 186 26.86 -37.44 -33.89
N GLU B 187 25.56 -37.24 -33.75
CA GLU B 187 24.57 -38.25 -34.14
C GLU B 187 23.35 -37.65 -34.83
N ASN B 188 22.62 -38.50 -35.55
CA ASN B 188 21.42 -38.10 -36.27
C ASN B 188 20.27 -37.68 -35.36
N PHE B 189 19.68 -36.54 -35.67
CA PHE B 189 18.45 -36.11 -35.05
C PHE B 189 17.39 -36.06 -36.14
N TYR B 190 16.34 -36.86 -35.96
CA TYR B 190 15.27 -36.96 -36.94
C TYR B 190 14.18 -35.93 -36.63
N VAL B 191 14.29 -34.78 -37.30
CA VAL B 191 13.36 -33.67 -37.15
C VAL B 191 12.01 -34.05 -37.75
N ASP B 192 12.05 -34.55 -38.98
CA ASP B 192 10.87 -34.88 -39.77
C ASP B 192 11.21 -36.14 -40.55
N GLU B 193 10.23 -36.71 -41.24
CA GLU B 193 10.49 -37.83 -42.14
C GLU B 193 10.90 -37.31 -43.53
N THR B 194 11.52 -36.12 -43.53
CA THR B 194 12.06 -35.47 -44.71
C THR B 194 13.41 -34.86 -44.37
N THR B 195 13.62 -34.57 -43.08
CA THR B 195 14.82 -33.87 -42.61
C THR B 195 15.56 -34.65 -41.52
N VAL B 196 16.88 -34.80 -41.71
CA VAL B 196 17.76 -35.41 -40.73
C VAL B 196 18.95 -34.47 -40.52
N VAL B 197 19.21 -34.08 -39.27
CA VAL B 197 20.33 -33.19 -38.96
C VAL B 197 21.37 -33.84 -38.04
N LYS B 198 22.59 -33.35 -38.11
CA LYS B 198 23.67 -33.81 -37.25
C LYS B 198 23.77 -32.92 -36.03
N VAL B 199 23.77 -33.55 -34.85
CA VAL B 199 23.81 -32.84 -33.57
C VAL B 199 24.76 -33.57 -32.61
N PRO B 200 25.53 -32.80 -31.81
CA PRO B 200 26.29 -33.46 -30.73
C PRO B 200 25.33 -34.13 -29.73
N MET B 201 25.53 -35.42 -29.52
CA MET B 201 24.66 -36.22 -28.65
C MET B 201 25.40 -36.62 -27.39
N MET B 202 24.99 -36.04 -26.26
CA MET B 202 25.61 -36.33 -24.96
C MET B 202 25.14 -37.70 -24.44
N LEU B 203 25.94 -38.29 -23.55
CA LEU B 203 25.61 -39.59 -22.97
C LEU B 203 26.12 -39.76 -21.55
N GLN B 204 25.27 -40.36 -20.71
CA GLN B 204 25.69 -40.88 -19.42
C GLN B 204 25.00 -42.19 -19.09
N SER B 205 25.73 -43.11 -18.46
CA SER B 205 25.17 -44.37 -17.98
C SER B 205 25.08 -44.33 -16.46
N SER B 206 23.90 -44.00 -15.95
CA SER B 206 23.73 -43.75 -14.51
C SER B 206 22.41 -44.32 -13.96
N THR B 207 22.25 -44.25 -12.64
CA THR B 207 20.98 -44.54 -11.99
C THR B 207 20.09 -43.31 -12.08
N ILE B 208 19.08 -43.39 -12.93
CA ILE B 208 18.19 -42.26 -13.24
C ILE B 208 16.74 -42.64 -13.00
N SER B 209 15.96 -41.69 -12.49
CA SER B 209 14.50 -41.85 -12.34
C SER B 209 13.86 -42.00 -13.70
N TYR B 210 13.37 -43.20 -13.99
CA TYR B 210 12.85 -43.54 -15.31
C TYR B 210 11.40 -44.05 -15.23
N LEU B 211 10.61 -43.73 -16.24
CA LEU B 211 9.24 -44.25 -16.37
C LEU B 211 8.85 -44.52 -17.81
N HIS B 212 8.36 -45.74 -18.06
CA HIS B 212 7.72 -46.10 -19.31
C HIS B 212 6.22 -45.97 -19.10
N ASP B 213 5.62 -44.94 -19.70
CA ASP B 213 4.19 -44.68 -19.53
C ASP B 213 3.36 -45.70 -20.31
N SER B 214 2.32 -46.22 -19.65
CA SER B 214 1.46 -47.24 -20.26
C SER B 214 0.13 -46.66 -20.73
N GLU B 215 -0.29 -45.56 -20.11
CA GLU B 215 -1.52 -44.87 -20.49
C GLU B 215 -1.27 -43.64 -21.36
N LEU B 216 0.00 -43.42 -21.70
CA LEU B 216 0.40 -42.40 -22.67
C LEU B 216 1.54 -42.93 -23.54
N PRO B 217 1.57 -42.55 -24.83
CA PRO B 217 2.61 -43.05 -25.72
C PRO B 217 3.92 -42.28 -25.55
N CYS B 218 4.57 -42.46 -24.40
CA CYS B 218 5.82 -41.77 -24.09
C CYS B 218 6.69 -42.52 -23.08
N GLN B 219 7.98 -42.18 -23.08
CA GLN B 219 8.91 -42.59 -22.04
C GLN B 219 9.57 -41.33 -21.49
N LEU B 220 9.84 -41.32 -20.19
CA LEU B 220 10.34 -40.10 -19.54
C LEU B 220 11.35 -40.36 -18.42
N VAL B 221 12.21 -39.36 -18.22
CA VAL B 221 13.17 -39.34 -17.12
C VAL B 221 13.08 -38.03 -16.34
N GLN B 222 13.57 -38.04 -15.10
CA GLN B 222 13.66 -36.83 -14.29
C GLN B 222 15.06 -36.69 -13.71
N MET B 223 15.67 -35.52 -13.90
CA MET B 223 17.00 -35.25 -13.38
C MET B 223 17.02 -34.02 -12.47
N ASN B 224 17.97 -33.98 -11.55
CA ASN B 224 18.08 -32.88 -10.60
C ASN B 224 19.22 -31.92 -10.92
N TYR B 225 19.04 -30.66 -10.53
CA TYR B 225 20.12 -29.68 -10.53
C TYR B 225 20.66 -29.56 -9.11
N VAL B 226 21.86 -29.01 -8.99
CA VAL B 226 22.40 -28.67 -7.67
C VAL B 226 21.67 -27.41 -7.20
N GLY B 227 20.86 -27.57 -6.15
CA GLY B 227 19.99 -26.51 -5.66
C GLY B 227 18.59 -27.03 -5.45
N ASN B 228 17.62 -26.41 -6.12
CA ASN B 228 16.22 -26.83 -6.04
C ASN B 228 15.59 -27.16 -7.39
N GLY B 229 16.34 -26.93 -8.47
CA GLY B 229 15.84 -27.18 -9.81
C GLY B 229 15.73 -28.65 -10.16
N THR B 230 14.64 -29.00 -10.86
CA THR B 230 14.46 -30.34 -11.42
C THR B 230 13.96 -30.26 -12.85
N VAL B 231 14.22 -31.30 -13.63
CA VAL B 231 13.87 -31.30 -15.06
C VAL B 231 13.25 -32.63 -15.50
N PHE B 232 12.17 -32.53 -16.27
CA PHE B 232 11.56 -33.70 -16.90
C PHE B 232 11.85 -33.68 -18.40
N PHE B 233 12.46 -34.76 -18.88
CA PHE B 233 12.64 -34.96 -20.32
C PHE B 233 11.65 -36.02 -20.80
N ILE B 234 10.74 -35.62 -21.69
CA ILE B 234 9.72 -36.52 -22.19
C ILE B 234 9.92 -36.83 -23.67
N LEU B 235 10.04 -38.12 -23.98
CA LEU B 235 10.13 -38.58 -25.37
C LEU B 235 8.84 -39.31 -25.75
N PRO B 236 8.01 -38.67 -26.60
CA PRO B 236 6.85 -39.35 -27.15
C PRO B 236 7.26 -40.42 -28.16
N ASP B 237 6.43 -41.44 -28.32
CA ASP B 237 6.60 -42.42 -29.39
C ASP B 237 6.55 -41.69 -30.73
N LYS B 238 7.29 -42.16 -31.72
CA LYS B 238 7.42 -41.46 -33.00
C LYS B 238 6.04 -41.08 -33.58
N GLY B 239 5.82 -39.77 -33.70
CA GLY B 239 4.57 -39.23 -34.23
C GLY B 239 3.45 -39.05 -33.22
N LYS B 240 3.75 -39.27 -31.94
CA LYS B 240 2.75 -39.15 -30.87
C LYS B 240 2.97 -37.91 -29.99
N MET B 241 3.61 -36.90 -30.56
CA MET B 241 3.91 -35.65 -29.85
C MET B 241 2.66 -34.91 -29.37
N ASN B 242 1.67 -34.77 -30.26
CA ASN B 242 0.42 -34.09 -29.94
C ASN B 242 -0.40 -34.80 -28.85
N THR B 243 -0.36 -36.12 -28.86
CA THR B 243 -1.08 -36.95 -27.88
C THR B 243 -0.56 -36.75 -26.45
N VAL B 244 0.74 -36.52 -26.33
CA VAL B 244 1.38 -36.34 -25.03
C VAL B 244 1.21 -34.92 -24.49
N ILE B 245 1.28 -33.93 -25.38
CA ILE B 245 1.11 -32.52 -25.00
C ILE B 245 -0.31 -32.20 -24.53
N ALA B 246 -1.30 -32.72 -25.26
CA ALA B 246 -2.71 -32.52 -24.92
C ALA B 246 -3.07 -33.06 -23.55
N ALA B 247 -2.29 -34.01 -23.05
CA ALA B 247 -2.53 -34.66 -21.78
C ALA B 247 -1.83 -34.01 -20.58
N LEU B 248 -1.03 -32.98 -20.85
CA LEU B 248 -0.25 -32.29 -19.81
C LEU B 248 -1.14 -31.57 -18.78
N SER B 249 -0.94 -31.92 -17.52
CA SER B 249 -1.71 -31.36 -16.41
C SER B 249 -1.01 -31.65 -15.08
N ARG B 250 -1.49 -31.03 -14.00
CA ARG B 250 -1.00 -31.31 -12.66
C ARG B 250 -1.21 -32.79 -12.31
N ASP B 251 -2.30 -33.34 -12.86
CA ASP B 251 -2.70 -34.72 -12.66
C ASP B 251 -1.72 -35.69 -13.31
N THR B 252 -1.21 -35.32 -14.49
CA THR B 252 -0.25 -36.13 -15.24
C THR B 252 1.14 -36.07 -14.60
N ILE B 253 1.53 -34.87 -14.13
CA ILE B 253 2.81 -34.67 -13.44
C ILE B 253 2.90 -35.56 -12.19
N ASN B 254 1.86 -35.50 -11.35
CA ASN B 254 1.77 -36.34 -10.15
C ASN B 254 1.78 -37.84 -10.48
N ARG B 255 1.10 -38.21 -11.56
CA ARG B 255 1.06 -39.60 -12.00
C ARG B 255 2.42 -40.09 -12.48
N TRP B 256 3.18 -39.20 -13.12
CA TRP B 256 4.55 -39.49 -13.53
C TRP B 256 5.48 -39.60 -12.32
N SER B 257 5.39 -38.64 -11.40
CA SER B 257 6.18 -38.62 -10.17
C SER B 257 6.06 -39.92 -9.37
N ALA B 258 4.82 -40.39 -9.20
CA ALA B 258 4.54 -41.62 -8.47
C ALA B 258 4.99 -42.87 -9.23
N GLY B 259 5.09 -42.74 -10.56
CA GLY B 259 5.52 -43.84 -11.42
C GLY B 259 7.02 -43.93 -11.62
N LEU B 260 7.72 -42.80 -11.47
CA LEU B 260 9.17 -42.73 -11.67
C LEU B 260 9.94 -43.59 -10.67
N THR B 261 10.81 -44.44 -11.19
CA THR B 261 11.60 -45.36 -10.37
C THR B 261 13.05 -45.42 -10.83
N SER B 262 13.97 -45.48 -9.85
CA SER B 262 15.41 -45.47 -10.12
C SER B 262 15.85 -46.66 -10.97
N SER B 263 16.39 -46.35 -12.15
CA SER B 263 16.76 -47.38 -13.13
C SER B 263 18.13 -47.08 -13.74
N GLN B 264 18.87 -48.14 -14.05
CA GLN B 264 20.11 -48.02 -14.81
C GLN B 264 19.76 -47.68 -16.26
N VAL B 265 20.20 -46.50 -16.71
CA VAL B 265 19.81 -45.97 -18.02
C VAL B 265 21.00 -45.41 -18.79
N ASP B 266 21.09 -45.78 -20.07
CA ASP B 266 21.98 -45.11 -21.03
C ASP B 266 21.22 -43.92 -21.63
N LEU B 267 21.44 -42.74 -21.05
CA LEU B 267 20.68 -41.55 -21.43
C LEU B 267 21.35 -40.73 -22.53
N TYR B 268 20.77 -40.77 -23.72
CA TYR B 268 21.24 -39.99 -24.85
C TYR B 268 20.39 -38.73 -25.01
N ILE B 269 20.96 -37.59 -24.62
CA ILE B 269 20.32 -36.28 -24.81
C ILE B 269 21.24 -35.37 -25.62
N PRO B 270 20.72 -34.73 -26.68
CA PRO B 270 21.56 -33.86 -27.50
C PRO B 270 21.89 -32.53 -26.83
N LYS B 271 22.96 -31.89 -27.26
CA LYS B 271 23.26 -30.52 -26.88
C LYS B 271 22.24 -29.61 -27.56
N VAL B 272 21.56 -28.79 -26.77
CA VAL B 272 20.46 -27.97 -27.26
C VAL B 272 20.80 -26.49 -27.20
N THR B 273 20.52 -25.76 -28.28
CA THR B 273 20.65 -24.31 -28.31
C THR B 273 19.45 -23.74 -29.09
N ILE B 274 18.39 -23.40 -28.36
CA ILE B 274 17.15 -22.91 -28.98
C ILE B 274 16.65 -21.59 -28.38
N SER B 275 15.82 -20.89 -29.15
CA SER B 275 15.23 -19.63 -28.74
C SER B 275 13.82 -19.46 -29.32
N GLY B 276 13.08 -18.50 -28.79
CA GLY B 276 11.73 -18.21 -29.30
C GLY B 276 11.27 -16.80 -28.97
N VAL B 277 10.65 -16.17 -29.96
CA VAL B 277 10.02 -14.86 -29.79
C VAL B 277 8.52 -15.04 -30.00
N TYR B 278 7.72 -14.54 -29.05
CA TYR B 278 6.27 -14.76 -29.06
C TYR B 278 5.45 -13.51 -28.79
N ASP B 279 4.61 -13.16 -29.76
CA ASP B 279 3.61 -12.11 -29.60
C ASP B 279 2.39 -12.74 -28.92
N LEU B 280 2.25 -12.48 -27.62
CA LEU B 280 1.28 -13.18 -26.79
C LEU B 280 -0.15 -12.63 -26.87
N GLY B 281 -0.29 -11.43 -27.43
CA GLY B 281 -1.58 -10.74 -27.52
C GLY B 281 -2.77 -11.61 -27.88
N ASP B 282 -2.68 -12.31 -29.01
CA ASP B 282 -3.74 -13.19 -29.50
C ASP B 282 -3.91 -14.45 -28.65
N VAL B 283 -2.78 -15.00 -28.19
CA VAL B 283 -2.78 -16.19 -27.34
C VAL B 283 -3.48 -15.90 -26.01
N LEU B 284 -3.16 -14.76 -25.41
CA LEU B 284 -3.78 -14.31 -24.17
C LEU B 284 -5.30 -14.12 -24.33
N GLU B 285 -5.70 -13.57 -25.47
CA GLU B 285 -7.11 -13.39 -25.79
C GLU B 285 -7.85 -14.71 -25.97
N GLU B 286 -7.15 -15.71 -26.52
CA GLU B 286 -7.70 -17.06 -26.70
C GLU B 286 -7.95 -17.77 -25.37
N MET B 287 -7.21 -17.37 -24.33
CA MET B 287 -7.31 -17.97 -23.01
C MET B 287 -8.29 -17.24 -22.10
N GLY B 288 -8.94 -16.20 -22.62
CA GLY B 288 -9.95 -15.45 -21.89
C GLY B 288 -9.46 -14.15 -21.26
N ILE B 289 -8.31 -13.66 -21.72
CA ILE B 289 -7.78 -12.38 -21.27
C ILE B 289 -7.84 -11.37 -22.42
N ALA B 290 -8.96 -10.64 -22.46
CA ALA B 290 -9.25 -9.74 -23.58
C ALA B 290 -9.41 -8.27 -23.19
N ASP B 291 -9.84 -8.02 -21.95
CA ASP B 291 -10.09 -6.66 -21.46
C ASP B 291 -8.90 -5.71 -21.59
N LEU B 292 -7.70 -6.22 -21.35
CA LEU B 292 -6.47 -5.42 -21.38
C LEU B 292 -6.25 -4.66 -22.68
N PHE B 293 -6.69 -5.24 -23.79
CA PHE B 293 -6.38 -4.72 -25.12
C PHE B 293 -7.52 -3.87 -25.73
N THR B 294 -8.63 -3.74 -25.00
CA THR B 294 -9.80 -3.02 -25.50
C THR B 294 -9.80 -1.54 -25.10
N THR B 295 -10.67 -0.76 -25.74
CA THR B 295 -10.83 0.66 -25.42
C THR B 295 -11.67 0.86 -24.15
N GLN B 296 -11.97 -0.23 -23.46
CA GLN B 296 -12.69 -0.20 -22.19
C GLN B 296 -11.87 -0.81 -21.06
N ALA B 297 -10.56 -0.92 -21.27
CA ALA B 297 -9.62 -1.48 -20.29
C ALA B 297 -9.54 -0.60 -19.05
N ASN B 298 -9.63 -1.24 -17.88
CA ASN B 298 -9.59 -0.53 -16.60
C ASN B 298 -8.22 -0.62 -15.93
N PHE B 299 -7.39 0.40 -16.16
CA PHE B 299 -6.08 0.52 -15.52
C PHE B 299 -6.06 1.72 -14.57
N SER B 300 -7.12 1.83 -13.76
CA SER B 300 -7.34 3.02 -12.93
C SER B 300 -6.42 3.13 -11.71
N ARG B 301 -5.89 2.00 -11.26
CA ARG B 301 -4.98 1.98 -10.10
C ARG B 301 -3.55 2.35 -10.46
N ILE B 302 -3.19 2.21 -11.74
CA ILE B 302 -1.86 2.55 -12.23
C ILE B 302 -1.61 4.06 -12.20
N THR B 303 -2.54 4.82 -12.78
CA THR B 303 -2.38 6.26 -12.95
C THR B 303 -3.71 6.97 -13.20
N GLN B 304 -3.75 8.27 -12.88
CA GLN B 304 -4.90 9.12 -13.19
C GLN B 304 -4.54 10.16 -14.26
N ASP B 305 -3.29 10.12 -14.72
CA ASP B 305 -2.80 11.02 -15.77
C ASP B 305 -3.32 10.65 -17.16
N ALA B 306 -3.66 9.37 -17.33
CA ALA B 306 -4.25 8.87 -18.55
C ALA B 306 -4.94 7.52 -18.28
N GLN B 307 -6.02 7.26 -19.01
CA GLN B 307 -6.63 5.94 -18.99
C GLN B 307 -5.91 5.04 -19.98
N LEU B 308 -5.40 3.92 -19.48
CA LEU B 308 -4.48 3.08 -20.25
C LEU B 308 -5.14 1.81 -20.81
N LYS B 309 -4.50 1.26 -21.84
CA LYS B 309 -4.82 -0.07 -22.35
C LYS B 309 -3.52 -0.73 -22.84
N SER B 310 -3.48 -2.06 -22.87
CA SER B 310 -2.32 -2.80 -23.34
C SER B 310 -2.31 -2.89 -24.85
N SER B 311 -1.18 -2.56 -25.46
CA SER B 311 -1.05 -2.55 -26.92
C SER B 311 -0.21 -3.72 -27.46
N LYS B 312 0.79 -4.15 -26.70
CA LYS B 312 1.67 -5.22 -27.13
C LYS B 312 2.24 -6.01 -25.94
N VAL B 313 2.29 -7.33 -26.10
CA VAL B 313 2.88 -8.24 -25.11
C VAL B 313 3.80 -9.22 -25.83
N VAL B 314 5.09 -9.18 -25.50
CA VAL B 314 6.08 -10.02 -26.18
C VAL B 314 6.99 -10.76 -25.19
N HIS B 315 7.20 -12.05 -25.46
CA HIS B 315 8.05 -12.89 -24.62
C HIS B 315 9.18 -13.50 -25.44
N LYS B 316 10.42 -13.31 -24.97
CA LYS B 316 11.58 -13.97 -25.57
C LYS B 316 12.33 -14.83 -24.55
N ALA B 317 12.72 -16.03 -24.97
CA ALA B 317 13.43 -16.96 -24.10
C ALA B 317 14.49 -17.75 -24.86
N VAL B 318 15.61 -18.02 -24.19
CA VAL B 318 16.72 -18.80 -24.76
C VAL B 318 17.08 -19.99 -23.88
N LEU B 319 17.55 -21.07 -24.50
CA LEU B 319 17.94 -22.28 -23.79
C LEU B 319 19.28 -22.83 -24.30
N GLN B 320 20.13 -23.27 -23.38
CA GLN B 320 21.38 -23.95 -23.70
C GLN B 320 21.58 -25.18 -22.83
N LEU B 321 21.74 -26.32 -23.49
CA LEU B 321 22.03 -27.59 -22.81
C LEU B 321 23.44 -28.07 -23.14
N ASN B 322 24.20 -28.40 -22.11
CA ASN B 322 25.50 -29.04 -22.30
C ASN B 322 25.76 -30.12 -21.25
N GLU B 323 26.96 -30.70 -21.26
CA GLU B 323 27.31 -31.80 -20.37
C GLU B 323 27.38 -31.40 -18.90
N GLU B 324 27.64 -30.11 -18.65
CA GLU B 324 27.81 -29.57 -17.30
C GLU B 324 26.46 -29.23 -16.64
N GLY B 325 25.54 -28.68 -17.43
CA GLY B 325 24.23 -28.29 -16.92
C GLY B 325 23.35 -27.58 -17.93
N THR B 326 22.58 -26.61 -17.45
CA THR B 326 21.62 -25.87 -18.25
C THR B 326 21.77 -24.37 -18.04
N GLU B 327 21.67 -23.62 -19.14
CA GLU B 327 21.61 -22.16 -19.09
C GLU B 327 20.35 -21.70 -19.81
N ALA B 328 19.42 -21.14 -19.05
CA ALA B 328 18.17 -20.63 -19.62
C ALA B 328 17.87 -19.22 -19.15
N ALA B 329 17.39 -18.39 -20.08
CA ALA B 329 16.99 -17.02 -19.77
C ALA B 329 15.69 -16.66 -20.46
N GLY B 330 14.91 -15.79 -19.83
CA GLY B 330 13.64 -15.34 -20.37
C GLY B 330 13.32 -13.90 -20.00
N ALA B 331 12.56 -13.23 -20.86
CA ALA B 331 12.15 -11.84 -20.63
C ALA B 331 10.79 -11.58 -21.27
N MET B 332 10.01 -10.71 -20.62
CA MET B 332 8.71 -10.31 -21.16
C MET B 332 8.53 -8.80 -21.03
N PHE B 333 7.85 -8.20 -22.01
CA PHE B 333 7.45 -6.80 -21.89
C PHE B 333 6.00 -6.54 -22.29
N LEU B 334 5.35 -5.63 -21.56
CA LEU B 334 4.00 -5.19 -21.87
C LEU B 334 3.98 -3.68 -22.09
N GLU B 335 3.48 -3.27 -23.24
CA GLU B 335 3.35 -1.86 -23.59
C GLU B 335 1.96 -1.34 -23.27
N ALA B 336 1.88 -0.12 -22.75
CA ALA B 336 0.62 0.52 -22.44
C ALA B 336 0.50 1.86 -23.15
N ILE B 337 -0.65 2.09 -23.78
CA ILE B 337 -0.90 3.32 -24.54
C ILE B 337 -2.19 4.01 -24.06
N PRO B 338 -2.28 5.35 -24.27
CA PRO B 338 -3.54 6.06 -24.01
C PRO B 338 -4.73 5.39 -24.69
N ARG B 339 -5.71 5.01 -23.89
CA ARG B 339 -6.88 4.28 -24.36
C ARG B 339 -7.95 5.22 -24.90
N LYS B 341 21.66 -55.34 -18.19
CA LYS B 341 22.02 -54.27 -19.16
C LYS B 341 21.06 -53.09 -19.03
N PRO B 342 21.59 -51.85 -18.95
CA PRO B 342 20.80 -50.64 -18.76
C PRO B 342 19.79 -50.33 -19.88
N ILE B 343 18.74 -49.62 -19.53
CA ILE B 343 17.70 -49.18 -20.47
C ILE B 343 18.24 -48.06 -21.37
N ILE B 344 18.00 -48.15 -22.67
CA ILE B 344 18.45 -47.13 -23.61
C ILE B 344 17.32 -46.15 -23.95
N LEU B 345 17.49 -44.89 -23.54
CA LEU B 345 16.56 -43.83 -23.91
C LEU B 345 17.30 -42.78 -24.74
N ARG B 346 16.92 -42.68 -26.01
CA ARG B 346 17.63 -41.85 -26.98
C ARG B 346 16.76 -40.71 -27.51
N PHE B 347 17.18 -39.47 -27.22
CA PHE B 347 16.42 -38.28 -27.62
C PHE B 347 16.90 -37.74 -28.96
N ASN B 348 16.73 -38.55 -30.01
CA ASN B 348 17.15 -38.21 -31.36
C ASN B 348 15.99 -37.75 -32.25
N GLN B 349 14.93 -37.26 -31.61
CA GLN B 349 13.73 -36.78 -32.28
C GLN B 349 12.93 -35.87 -31.33
N PRO B 350 11.94 -35.11 -31.86
CA PRO B 350 11.20 -34.13 -31.07
C PRO B 350 10.83 -34.60 -29.67
N PHE B 351 11.15 -33.78 -28.67
CA PHE B 351 10.89 -34.10 -27.26
C PHE B 351 10.47 -32.89 -26.43
N ILE B 352 10.00 -33.15 -25.21
CA ILE B 352 9.48 -32.12 -24.31
C ILE B 352 10.41 -31.94 -23.10
N ILE B 353 10.67 -30.68 -22.74
CA ILE B 353 11.45 -30.36 -21.55
C ILE B 353 10.61 -29.53 -20.57
N MET B 354 10.67 -29.89 -19.28
CA MET B 354 9.96 -29.16 -18.24
C MET B 354 10.86 -28.92 -17.04
N ILE B 355 11.20 -27.66 -16.79
CA ILE B 355 12.04 -27.29 -15.65
C ILE B 355 11.19 -26.72 -14.51
N PHE B 356 11.25 -27.39 -13.35
CA PHE B 356 10.48 -26.99 -12.17
C PHE B 356 11.38 -26.61 -10.99
N ASP B 357 10.81 -25.83 -10.07
CA ASP B 357 11.45 -25.52 -8.79
C ASP B 357 10.86 -26.41 -7.71
N HIS B 358 11.73 -27.11 -6.98
CA HIS B 358 11.29 -27.98 -5.87
C HIS B 358 10.74 -27.21 -4.67
N PHE B 359 11.19 -25.97 -4.49
CA PHE B 359 10.83 -25.17 -3.32
C PHE B 359 9.40 -24.63 -3.39
N THR B 360 9.01 -24.18 -4.59
CA THR B 360 7.71 -23.51 -4.79
C THR B 360 6.82 -24.18 -5.84
N TRP B 361 7.31 -25.26 -6.44
CA TRP B 361 6.60 -26.02 -7.49
C TRP B 361 6.25 -25.18 -8.73
N SER B 362 7.04 -24.14 -8.99
CA SER B 362 6.82 -23.24 -10.11
C SER B 362 7.29 -23.84 -11.42
N SER B 363 6.51 -23.62 -12.48
CA SER B 363 6.92 -23.99 -13.82
C SER B 363 7.85 -22.91 -14.36
N LEU B 364 9.15 -23.19 -14.30
CA LEU B 364 10.17 -22.21 -14.68
C LEU B 364 10.34 -22.10 -16.19
N PHE B 365 10.46 -23.26 -16.85
CA PHE B 365 10.66 -23.30 -18.30
C PHE B 365 9.94 -24.48 -18.94
N LEU B 366 9.47 -24.28 -20.17
CA LEU B 366 8.83 -25.32 -20.97
C LEU B 366 9.37 -25.31 -22.38
N ALA B 367 9.67 -26.48 -22.91
CA ALA B 367 10.24 -26.60 -24.25
C ALA B 367 9.58 -27.70 -25.09
N ARG B 368 9.47 -27.42 -26.39
CA ARG B 368 9.21 -28.45 -27.39
C ARG B 368 10.33 -28.37 -28.42
N VAL B 369 11.27 -29.31 -28.33
CA VAL B 369 12.44 -29.32 -29.19
C VAL B 369 12.14 -30.07 -30.48
N MET B 370 11.93 -29.32 -31.56
CA MET B 370 11.72 -29.90 -32.89
C MET B 370 13.06 -30.06 -33.61
N ASN B 371 13.93 -29.07 -33.43
CA ASN B 371 15.30 -29.09 -33.94
C ASN B 371 16.24 -28.45 -32.92
N PRO B 372 17.18 -29.24 -32.35
CA PRO B 372 18.05 -28.75 -31.29
C PRO B 372 19.20 -27.86 -31.79
N VAL B 373 19.45 -27.90 -33.10
CA VAL B 373 20.58 -27.17 -33.70
C VAL B 373 20.24 -25.69 -33.86
C1 HCY C . -21.20 16.69 5.97
C2 HCY C . -21.07 15.17 5.98
C3 HCY C . -19.80 14.78 6.70
C4 HCY C . -19.15 15.74 7.62
C5 HCY C . -19.80 16.83 8.05
C6 HCY C . -19.27 17.55 9.27
C7 HCY C . -19.15 19.06 9.02
C8 HCY C . -20.39 19.67 8.36
C9 HCY C . -20.83 18.89 7.09
C10 HCY C . -21.03 17.37 7.34
C12 HCY C . -21.69 21.12 6.06
C11 HCY C . -21.94 19.61 6.28
C13 HCY C . -21.29 21.86 7.34
C14 HCY C . -20.10 21.12 7.94
C15 HCY C . -19.48 22.10 8.95
C16 HCY C . -19.79 23.47 8.34
C17 HCY C . -20.68 23.26 7.12
C18 HCY C . -22.51 21.94 8.28
C19 HCY C . -22.25 17.03 8.21
C20 HCY C . -21.71 24.37 6.95
C21 HCY C . -22.48 24.51 5.65
O1 HCY C . -19.32 13.67 6.53
O2 HCY C . -23.23 19.45 6.88
O3 HCY C . -19.82 23.25 5.97
O4 HCY C . -21.91 25.17 7.85
O5 HCY C . -22.62 25.88 5.28
C1 HCY D . 1.86 -30.75 -7.28
C2 HCY D . 0.51 -30.02 -7.38
C3 HCY D . 0.77 -28.59 -7.77
C4 HCY D . 1.93 -28.27 -8.64
C5 HCY D . 2.76 -29.23 -9.08
C6 HCY D . 3.74 -28.87 -10.17
C7 HCY D . 5.15 -29.24 -9.73
C8 HCY D . 5.27 -30.67 -9.20
C9 HCY D . 4.19 -31.01 -8.14
C10 HCY D . 2.74 -30.66 -8.54
C12 HCY D . 5.84 -32.73 -7.08
C11 HCY D . 4.39 -32.43 -7.52
C13 HCY D . 6.90 -32.32 -8.11
C14 HCY D . 6.62 -30.88 -8.51
C15 HCY D . 7.90 -30.40 -9.20
C16 HCY D . 9.01 -31.16 -8.44
C17 HCY D . 8.32 -32.20 -7.54
C18 HCY D . 6.86 -33.30 -9.29
C19 HCY D . 2.15 -31.56 -9.63
C20 HCY D . 9.10 -33.50 -7.50
C21 HCY D . 8.92 -34.46 -6.34
O1 HCY D . 0.03 -27.71 -7.39
O2 HCY D . 3.96 -33.47 -8.42
O3 HCY D . 8.28 -31.64 -6.22
O4 HCY D . 9.88 -33.81 -8.40
O5 HCY D . 8.80 -35.81 -6.82
#